data_2B11
#
_entry.id   2B11
#
_cell.length_a   44.884
_cell.length_b   117.864
_cell.length_c   88.470
_cell.angle_alpha   90.00
_cell.angle_beta   104.23
_cell.angle_gamma   90.00
#
_symmetry.space_group_name_H-M   'P 1 21 1'
#
loop_
_entity.id
_entity.type
_entity.pdbx_description
1 polymer 'Cytochrome c peroxidase, mitochondrial'
2 polymer 'Cytochrome c iso-1'
3 non-polymer 'PROTOPORPHYRIN IX CONTAINING ZN'
4 non-polymer 'HEME C'
5 water water
#
loop_
_entity_poly.entity_id
_entity_poly.type
_entity_poly.pdbx_seq_one_letter_code
_entity_poly.pdbx_strand_id
1 'polypeptide(L)'
;TTPLVHVASVEKGRSYEDFQKVYNAIALKLREDDEYDNYIGYGPVLVRLAWHTSGTWDKHDNTGGSYGGTYRFKKEFNDP
SNAGLQNGFKFLEPIHKEFPWISSGDLFSLGGVTAVQEMQGPKIPWRCGRVDTPEDTTPDNGRLPDADKDADYVRTFFQR
LNMNDREVVALMGAHALGKTHLKNSGYEGPWGAANNVFTNEFYLNLLNEDWKLEKNDANNEQWDSKSGYMMLPTDYSLIQ
DPKYLSIVKEYANDQDKFFKDFSKAFEKLLENGITFPKDAPSPFIFKTLEEQGL
;
A,C
2 'polypeptide(L)'
;TEFKAGSAKKGATLFKTRCLQCHTVEKGGPHKVGPNLHGIFGRHSGQAEGYSYTDANIKKNVLWDENNMSEYLTNPKKYI
PGTKMAWGGLKKEKDRNDLITYLKKACE
;
B,D
#
loop_
_chem_comp.id
_chem_comp.type
_chem_comp.name
_chem_comp.formula
HEC non-polymer 'HEME C' 'C34 H34 Fe N4 O4'
ZNH non-polymer 'PROTOPORPHYRIN IX CONTAINING ZN' 'C34 H32 N4 O4 Zn'
#
# COMPACT_ATOMS: atom_id res chain seq x y z
N THR A 1 30.43 -53.82 -5.26
CA THR A 1 31.58 -52.85 -5.31
C THR A 1 31.15 -51.46 -4.86
N THR A 2 29.83 -51.27 -4.71
CA THR A 2 29.17 -50.01 -4.30
C THR A 2 29.35 -48.90 -5.35
N PRO A 3 28.43 -47.90 -5.41
CA PRO A 3 28.63 -46.84 -6.42
C PRO A 3 29.93 -46.04 -6.20
N LEU A 4 30.25 -45.16 -7.15
CA LEU A 4 31.45 -44.33 -7.02
C LEU A 4 31.19 -43.31 -5.92
N VAL A 5 32.20 -43.06 -5.09
CA VAL A 5 32.08 -42.07 -4.02
C VAL A 5 32.82 -40.83 -4.50
N HIS A 6 32.07 -39.74 -4.60
CA HIS A 6 32.58 -38.46 -5.03
C HIS A 6 32.79 -37.59 -3.80
N VAL A 7 34.05 -37.53 -3.35
CA VAL A 7 34.42 -36.77 -2.16
C VAL A 7 34.75 -35.32 -2.54
N ALA A 8 34.08 -34.39 -1.88
CA ALA A 8 34.29 -32.96 -2.10
C ALA A 8 35.64 -32.54 -1.55
N SER A 9 36.46 -32.00 -2.45
CA SER A 9 37.79 -31.51 -2.14
C SER A 9 37.85 -30.04 -2.50
N VAL A 10 37.94 -29.20 -1.47
CA VAL A 10 38.02 -27.75 -1.65
C VAL A 10 39.34 -27.35 -2.33
N GLU A 11 39.23 -26.48 -3.31
CA GLU A 11 40.37 -25.99 -4.08
C GLU A 11 41.38 -25.28 -3.17
N LYS A 12 42.63 -25.74 -3.25
CA LYS A 12 43.78 -25.28 -2.46
C LYS A 12 43.84 -23.83 -1.95
N GLY A 13 43.71 -23.69 -0.64
CA GLY A 13 43.77 -22.41 0.03
C GLY A 13 42.66 -21.39 -0.19
N ARG A 14 41.52 -21.84 -0.74
CA ARG A 14 40.39 -20.96 -1.02
C ARG A 14 39.31 -21.03 0.05
N SER A 15 38.65 -19.89 0.28
CA SER A 15 37.58 -19.78 1.27
C SER A 15 36.43 -18.90 0.74
N TYR A 16 35.48 -18.51 1.60
CA TYR A 16 34.31 -17.70 1.24
C TYR A 16 34.58 -16.48 0.33
N GLU A 17 35.55 -15.65 0.71
CA GLU A 17 35.88 -14.43 -0.05
C GLU A 17 36.32 -14.64 -1.49
N ASP A 18 36.98 -15.77 -1.76
CA ASP A 18 37.45 -16.14 -3.10
C ASP A 18 36.27 -16.50 -4.01
N PHE A 19 35.26 -17.15 -3.42
CA PHE A 19 34.05 -17.55 -4.14
C PHE A 19 33.05 -16.39 -4.30
N GLN A 20 33.09 -15.44 -3.35
CA GLN A 20 32.25 -14.23 -3.39
C GLN A 20 32.68 -13.34 -4.56
N LYS A 21 33.98 -13.38 -4.89
CA LYS A 21 34.53 -12.62 -6.00
C LYS A 21 34.17 -13.24 -7.37
N VAL A 22 33.88 -14.54 -7.38
CA VAL A 22 33.48 -15.28 -8.60
C VAL A 22 31.99 -15.00 -8.82
N TYR A 23 31.23 -15.00 -7.74
CA TYR A 23 29.79 -14.68 -7.73
C TYR A 23 29.69 -13.27 -8.28
N ASN A 24 30.44 -12.33 -7.69
CA ASN A 24 30.46 -10.90 -8.10
C ASN A 24 30.81 -10.65 -9.56
N ALA A 25 31.62 -11.55 -10.14
CA ALA A 25 32.04 -11.46 -11.53
C ALA A 25 30.89 -11.89 -12.46
N ILE A 26 30.21 -12.97 -12.09
CA ILE A 26 29.05 -13.48 -12.84
C ILE A 26 27.90 -12.44 -12.75
N ALA A 27 27.69 -11.87 -11.55
CA ALA A 27 26.61 -10.88 -11.33
C ALA A 27 26.72 -9.58 -12.05
N LEU A 28 27.93 -9.05 -12.18
CA LEU A 28 28.14 -7.79 -12.88
C LEU A 28 28.04 -7.93 -14.39
N LYS A 29 28.46 -9.09 -14.89
CA LYS A 29 28.43 -9.44 -16.30
C LYS A 29 26.98 -9.70 -16.72
N LEU A 30 26.18 -10.14 -15.75
CA LEU A 30 24.75 -10.43 -15.96
C LEU A 30 24.02 -9.10 -16.14
N ARG A 31 24.51 -8.10 -15.41
CA ARG A 31 24.03 -6.72 -15.39
C ARG A 31 24.50 -5.93 -16.64
N GLU A 32 25.69 -6.29 -17.12
CA GLU A 32 26.34 -5.67 -18.30
C GLU A 32 25.73 -6.11 -19.64
N ASP A 33 25.63 -7.42 -19.83
CA ASP A 33 25.10 -8.00 -21.06
C ASP A 33 23.62 -8.37 -20.89
N ASP A 34 22.83 -7.33 -20.67
CA ASP A 34 21.39 -7.44 -20.46
C ASP A 34 20.58 -7.37 -21.76
N GLU A 35 21.29 -7.35 -22.88
CA GLU A 35 20.69 -7.26 -24.22
C GLU A 35 20.24 -8.61 -24.75
N TYR A 36 20.87 -9.67 -24.24
CA TYR A 36 20.63 -11.05 -24.66
C TYR A 36 19.19 -11.52 -24.61
N ASP A 37 18.80 -12.18 -25.70
CA ASP A 37 17.49 -12.78 -25.91
C ASP A 37 16.34 -11.79 -25.67
N ASN A 38 16.30 -10.77 -26.53
CA ASN A 38 15.28 -9.70 -26.51
C ASN A 38 15.07 -9.13 -25.11
N TYR A 39 16.23 -8.78 -24.52
CA TYR A 39 16.39 -8.19 -23.19
C TYR A 39 16.04 -9.01 -21.95
N ILE A 40 15.93 -10.33 -22.10
CA ILE A 40 15.65 -11.22 -20.96
C ILE A 40 16.94 -11.34 -20.13
N GLY A 41 18.07 -11.28 -20.82
CA GLY A 41 19.36 -11.41 -20.17
C GLY A 41 19.79 -12.86 -20.09
N TYR A 42 20.96 -13.09 -19.50
CA TYR A 42 21.52 -14.43 -19.35
C TYR A 42 21.10 -15.16 -18.08
N GLY A 43 20.30 -14.47 -17.25
CA GLY A 43 19.82 -15.02 -15.98
C GLY A 43 19.15 -16.38 -16.08
N PRO A 44 18.09 -16.55 -16.92
CA PRO A 44 17.40 -17.84 -17.06
C PRO A 44 18.22 -19.01 -17.66
N VAL A 45 19.04 -18.74 -18.68
CA VAL A 45 19.86 -19.79 -19.32
C VAL A 45 20.89 -20.37 -18.34
N LEU A 46 21.34 -19.55 -17.38
CA LEU A 46 22.29 -19.99 -16.37
C LEU A 46 21.69 -20.94 -15.32
N VAL A 47 20.44 -20.70 -14.89
CA VAL A 47 19.79 -21.61 -13.94
C VAL A 47 19.47 -22.94 -14.65
N ARG A 48 19.14 -22.86 -15.94
CA ARG A 48 18.84 -24.03 -16.75
C ARG A 48 20.13 -24.86 -16.93
N LEU A 49 21.27 -24.16 -17.04
CA LEU A 49 22.58 -24.80 -17.18
C LEU A 49 22.89 -25.57 -15.92
N ALA A 50 22.77 -24.90 -14.76
CA ALA A 50 23.03 -25.48 -13.45
C ALA A 50 22.19 -26.73 -13.19
N TRP A 51 20.98 -26.75 -13.76
CA TRP A 51 20.06 -27.88 -13.62
C TRP A 51 20.34 -29.02 -14.61
N HIS A 52 20.62 -28.70 -15.87
CA HIS A 52 20.91 -29.73 -16.89
C HIS A 52 22.23 -30.50 -16.67
N THR A 53 23.16 -29.90 -15.93
CA THR A 53 24.44 -30.55 -15.64
C THR A 53 24.36 -31.35 -14.34
N SER A 54 23.32 -31.04 -13.56
CA SER A 54 23.05 -31.73 -12.29
C SER A 54 21.98 -32.79 -12.54
N GLY A 55 21.13 -32.51 -13.53
CA GLY A 55 20.03 -33.39 -13.89
C GLY A 55 20.31 -34.73 -14.52
N THR A 56 21.60 -34.99 -14.82
CA THR A 56 22.04 -36.24 -15.41
C THR A 56 22.35 -37.29 -14.34
N TRP A 57 22.14 -36.92 -13.06
CA TRP A 57 22.42 -37.83 -11.94
C TRP A 57 21.48 -39.02 -11.99
N ASP A 58 21.98 -40.13 -11.46
CA ASP A 58 21.27 -41.38 -11.38
C ASP A 58 21.66 -41.88 -10.01
N LYS A 59 20.68 -41.89 -9.10
CA LYS A 59 20.89 -42.33 -7.71
C LYS A 59 21.32 -43.77 -7.48
N HIS A 60 21.01 -44.65 -8.43
CA HIS A 60 21.32 -46.08 -8.35
C HIS A 60 22.81 -46.45 -8.43
N ASP A 61 23.57 -45.79 -9.30
CA ASP A 61 25.01 -46.05 -9.43
C ASP A 61 25.89 -44.81 -9.37
N ASN A 62 25.31 -43.72 -8.85
CA ASN A 62 25.97 -42.43 -8.67
C ASN A 62 26.69 -41.82 -9.88
N THR A 63 26.25 -42.21 -11.08
CA THR A 63 26.87 -41.68 -12.30
C THR A 63 26.12 -40.42 -12.69
N GLY A 64 26.86 -39.48 -13.28
CA GLY A 64 26.30 -38.20 -13.67
C GLY A 64 26.40 -37.22 -12.52
N GLY A 65 25.66 -36.12 -12.62
CA GLY A 65 25.69 -35.13 -11.56
C GLY A 65 26.64 -33.99 -11.84
N SER A 66 26.60 -32.99 -10.97
CA SER A 66 27.39 -31.78 -11.08
C SER A 66 28.90 -31.93 -10.83
N TYR A 67 29.26 -32.86 -9.96
CA TYR A 67 30.65 -33.13 -9.55
C TYR A 67 31.74 -33.11 -10.62
N GLY A 68 31.57 -33.96 -11.63
CA GLY A 68 32.55 -34.11 -12.68
C GLY A 68 32.90 -32.94 -13.57
N GLY A 69 31.95 -32.04 -13.76
CA GLY A 69 32.15 -30.88 -14.62
C GLY A 69 32.22 -31.32 -16.07
N THR A 70 31.63 -32.48 -16.33
CA THR A 70 31.61 -33.14 -17.63
C THR A 70 30.88 -32.53 -18.81
N TYR A 71 30.29 -31.35 -18.60
CA TYR A 71 29.57 -30.63 -19.66
C TYR A 71 30.55 -29.96 -20.65
N ARG A 72 31.81 -29.82 -20.24
CA ARG A 72 32.84 -29.24 -21.10
C ARG A 72 33.28 -30.18 -22.23
N PHE A 73 32.86 -31.44 -22.13
CA PHE A 73 33.16 -32.49 -23.11
C PHE A 73 32.07 -32.62 -24.18
N LYS A 74 32.51 -32.81 -25.43
CA LYS A 74 31.66 -32.90 -26.63
C LYS A 74 30.42 -33.80 -26.70
N LYS A 75 30.36 -34.86 -25.91
CA LYS A 75 29.20 -35.76 -25.92
C LYS A 75 28.01 -35.17 -25.14
N GLU A 76 28.31 -34.55 -23.99
CA GLU A 76 27.30 -33.93 -23.13
C GLU A 76 27.03 -32.50 -23.62
N PHE A 77 28.05 -31.85 -24.19
CA PHE A 77 27.94 -30.50 -24.73
C PHE A 77 27.03 -30.46 -25.96
N ASN A 78 27.04 -31.55 -26.73
CA ASN A 78 26.24 -31.67 -27.95
C ASN A 78 24.97 -32.50 -27.78
N ASP A 79 24.54 -32.70 -26.53
CA ASP A 79 23.32 -33.44 -26.21
C ASP A 79 22.14 -32.60 -26.75
N PRO A 80 21.24 -33.19 -27.58
CA PRO A 80 20.08 -32.48 -28.15
C PRO A 80 19.21 -31.70 -27.14
N SER A 81 19.07 -32.23 -25.93
CA SER A 81 18.29 -31.56 -24.89
C SER A 81 19.06 -30.42 -24.21
N ASN A 82 20.37 -30.33 -24.53
CA ASN A 82 21.24 -29.28 -24.02
C ASN A 82 21.37 -28.11 -25.01
N ALA A 83 20.62 -28.16 -26.11
CA ALA A 83 20.61 -27.12 -27.16
C ALA A 83 20.21 -25.73 -26.63
N GLY A 84 21.15 -24.77 -26.72
CA GLY A 84 20.93 -23.40 -26.26
C GLY A 84 21.85 -23.03 -25.10
N LEU A 85 22.30 -24.05 -24.36
CA LEU A 85 23.20 -23.86 -23.21
C LEU A 85 24.65 -23.53 -23.58
N GLN A 86 24.93 -23.49 -24.89
CA GLN A 86 26.26 -23.11 -25.41
C GLN A 86 26.48 -21.65 -25.03
N ASN A 87 25.40 -20.86 -25.17
CA ASN A 87 25.36 -19.44 -24.83
C ASN A 87 25.67 -19.20 -23.35
N GLY A 88 25.25 -20.16 -22.51
CA GLY A 88 25.50 -20.09 -21.08
C GLY A 88 26.95 -20.42 -20.75
N PHE A 89 27.53 -21.42 -21.45
CA PHE A 89 28.92 -21.83 -21.29
C PHE A 89 29.84 -20.72 -21.79
N LYS A 90 29.45 -20.07 -22.90
CA LYS A 90 30.22 -18.97 -23.50
C LYS A 90 30.29 -17.72 -22.64
N PHE A 91 29.25 -17.52 -21.83
CA PHE A 91 29.14 -16.41 -20.86
C PHE A 91 30.11 -16.70 -19.71
N LEU A 92 30.12 -17.97 -19.29
CA LEU A 92 30.96 -18.43 -18.20
C LEU A 92 32.46 -18.58 -18.47
N GLU A 93 32.86 -18.83 -19.72
CA GLU A 93 34.30 -19.01 -19.97
C GLU A 93 35.28 -17.84 -19.74
N PRO A 94 34.88 -16.55 -19.97
CA PRO A 94 35.84 -15.47 -19.71
C PRO A 94 36.20 -15.36 -18.23
N ILE A 95 35.21 -15.67 -17.37
CA ILE A 95 35.41 -15.63 -15.93
C ILE A 95 36.11 -16.91 -15.42
N HIS A 96 36.19 -17.94 -16.28
CA HIS A 96 36.91 -19.16 -15.93
C HIS A 96 38.40 -18.84 -16.15
N LYS A 97 38.70 -17.93 -17.07
CA LYS A 97 40.08 -17.54 -17.37
C LYS A 97 40.60 -16.59 -16.29
N GLU A 98 39.67 -15.82 -15.70
CA GLU A 98 39.94 -14.85 -14.65
C GLU A 98 40.12 -15.59 -13.33
N PHE A 99 39.50 -16.76 -13.23
CA PHE A 99 39.59 -17.62 -12.03
C PHE A 99 39.85 -19.08 -12.47
N PRO A 100 41.09 -19.39 -12.98
CA PRO A 100 41.42 -20.75 -13.46
C PRO A 100 41.42 -21.89 -12.43
N TRP A 101 41.50 -21.52 -11.16
CA TRP A 101 41.51 -22.44 -10.03
C TRP A 101 40.17 -23.16 -9.73
N ILE A 102 39.07 -22.53 -10.15
CA ILE A 102 37.74 -23.09 -9.88
C ILE A 102 37.36 -24.20 -10.86
N SER A 103 36.91 -25.32 -10.31
CA SER A 103 36.49 -26.47 -11.11
C SER A 103 35.25 -26.14 -11.96
N SER A 104 35.07 -26.86 -13.06
CA SER A 104 33.94 -26.64 -13.96
C SER A 104 32.57 -26.84 -13.29
N GLY A 105 32.45 -27.89 -12.48
CA GLY A 105 31.21 -28.18 -11.78
C GLY A 105 30.80 -27.06 -10.83
N ASP A 106 31.79 -26.55 -10.09
CA ASP A 106 31.61 -25.46 -9.13
C ASP A 106 31.18 -24.18 -9.85
N LEU A 107 31.72 -23.96 -11.05
CA LEU A 107 31.38 -22.78 -11.84
C LEU A 107 29.96 -22.82 -12.46
N PHE A 108 29.55 -23.96 -13.02
CA PHE A 108 28.22 -24.09 -13.65
C PHE A 108 27.08 -24.00 -12.63
N SER A 109 27.30 -24.64 -11.48
CA SER A 109 26.35 -24.64 -10.37
C SER A 109 26.28 -23.28 -9.66
N LEU A 110 27.43 -22.58 -9.60
CA LEU A 110 27.54 -21.25 -8.99
C LEU A 110 26.78 -20.24 -9.85
N GLY A 111 26.92 -20.37 -11.17
CA GLY A 111 26.23 -19.51 -12.12
C GLY A 111 24.71 -19.54 -11.94
N GLY A 112 24.20 -20.73 -11.57
CA GLY A 112 22.77 -20.91 -11.34
C GLY A 112 22.34 -20.24 -10.06
N VAL A 113 23.13 -20.46 -9.01
CA VAL A 113 22.93 -19.87 -7.68
C VAL A 113 22.97 -18.33 -7.76
N THR A 114 23.94 -17.81 -8.53
CA THR A 114 24.13 -16.38 -8.73
C THR A 114 22.95 -15.79 -9.49
N ALA A 115 22.50 -16.49 -10.54
CA ALA A 115 21.41 -16.07 -11.40
C ALA A 115 20.07 -15.91 -10.70
N VAL A 116 19.77 -16.82 -9.78
CA VAL A 116 18.52 -16.80 -9.05
C VAL A 116 18.45 -15.71 -7.98
N GLN A 117 19.57 -15.50 -7.27
CA GLN A 117 19.66 -14.49 -6.23
C GLN A 117 19.61 -13.08 -6.82
N GLU A 118 20.28 -12.88 -7.95
CA GLU A 118 20.33 -11.60 -8.64
C GLU A 118 19.00 -11.21 -9.30
N MET A 119 18.18 -12.22 -9.58
CA MET A 119 16.86 -12.03 -10.17
C MET A 119 15.80 -11.95 -9.06
N GLN A 120 16.23 -11.42 -7.91
CA GLN A 120 15.40 -11.20 -6.71
C GLN A 120 14.83 -12.44 -6.02
N GLY A 121 15.39 -13.60 -6.36
CA GLY A 121 14.90 -14.83 -5.76
C GLY A 121 15.40 -15.10 -4.34
N PRO A 122 15.12 -16.30 -3.80
CA PRO A 122 15.58 -16.62 -2.45
C PRO A 122 17.09 -16.81 -2.38
N LYS A 123 17.65 -16.70 -1.18
CA LYS A 123 19.08 -16.89 -0.97
C LYS A 123 19.27 -18.40 -0.89
N ILE A 124 20.09 -18.92 -1.80
CA ILE A 124 20.34 -20.35 -1.85
C ILE A 124 21.76 -20.75 -1.43
N PRO A 125 21.88 -21.53 -0.32
CA PRO A 125 23.18 -21.99 0.22
C PRO A 125 23.94 -22.84 -0.81
N TRP A 126 25.22 -22.53 -0.98
CA TRP A 126 26.06 -23.20 -1.95
C TRP A 126 27.34 -23.77 -1.33
N ARG A 127 27.73 -24.97 -1.74
CA ARG A 127 28.94 -25.62 -1.23
C ARG A 127 29.94 -25.89 -2.34
N CYS A 128 31.22 -25.69 -2.03
CA CYS A 128 32.30 -25.94 -2.98
C CYS A 128 32.89 -27.33 -2.82
N GLY A 129 33.85 -27.65 -3.68
CA GLY A 129 34.52 -28.93 -3.59
C GLY A 129 34.38 -29.90 -4.73
N ARG A 130 33.66 -29.54 -5.80
CA ARG A 130 33.49 -30.42 -6.96
C ARG A 130 34.82 -30.47 -7.72
N VAL A 131 35.18 -31.66 -8.19
CA VAL A 131 36.45 -31.86 -8.88
C VAL A 131 36.22 -32.40 -10.29
N ASP A 132 36.98 -31.86 -11.25
CA ASP A 132 36.94 -32.28 -12.66
C ASP A 132 37.33 -33.78 -12.74
N THR A 133 36.60 -34.53 -13.56
CA THR A 133 36.84 -35.96 -13.75
C THR A 133 37.11 -36.19 -15.25
N PRO A 134 37.83 -37.27 -15.65
CA PRO A 134 38.11 -37.51 -17.09
C PRO A 134 36.94 -37.65 -18.06
N GLU A 135 37.29 -37.74 -19.34
CA GLU A 135 36.34 -37.88 -20.45
C GLU A 135 35.47 -39.14 -20.43
N ASP A 136 35.98 -40.20 -19.80
CA ASP A 136 35.29 -41.48 -19.69
C ASP A 136 34.12 -41.53 -18.69
N THR A 137 34.07 -40.57 -17.78
CA THR A 137 33.02 -40.49 -16.77
C THR A 137 31.80 -39.70 -17.28
N THR A 138 31.92 -39.15 -18.48
CA THR A 138 30.88 -38.36 -19.13
C THR A 138 29.61 -39.17 -19.43
N PRO A 139 28.45 -38.76 -18.86
CA PRO A 139 27.14 -39.42 -19.04
C PRO A 139 26.67 -39.45 -20.49
N ASP A 140 26.11 -40.59 -20.89
CA ASP A 140 25.57 -40.72 -22.24
C ASP A 140 24.24 -39.98 -22.31
N ASN A 141 23.97 -39.40 -23.49
CA ASN A 141 22.76 -38.63 -23.77
C ASN A 141 21.46 -39.37 -23.44
N GLY A 142 20.40 -38.59 -23.17
CA GLY A 142 19.11 -39.19 -22.88
C GLY A 142 18.65 -39.28 -21.43
N ARG A 143 19.39 -38.64 -20.51
CA ARG A 143 19.02 -38.67 -19.09
C ARG A 143 18.19 -37.46 -18.62
N LEU A 144 17.97 -36.51 -19.54
CA LEU A 144 17.20 -35.30 -19.25
C LEU A 144 15.73 -35.54 -19.61
N PRO A 145 14.78 -34.83 -18.96
CA PRO A 145 13.35 -35.04 -19.26
C PRO A 145 12.78 -34.48 -20.56
N ASP A 146 11.76 -35.18 -21.07
CA ASP A 146 11.05 -34.80 -22.29
C ASP A 146 9.87 -33.92 -21.86
N ALA A 147 9.43 -33.04 -22.76
CA ALA A 147 8.34 -32.11 -22.49
C ALA A 147 6.95 -32.57 -22.87
N ASP A 148 6.87 -33.44 -23.87
CA ASP A 148 5.60 -33.97 -24.39
C ASP A 148 5.11 -35.20 -23.61
N LYS A 149 5.04 -35.06 -22.28
CA LYS A 149 4.64 -36.15 -21.40
C LYS A 149 3.60 -35.77 -20.34
N ASP A 150 3.20 -36.74 -19.52
CA ASP A 150 2.20 -36.58 -18.45
C ASP A 150 2.76 -36.60 -17.02
N ALA A 151 1.83 -36.53 -16.04
CA ALA A 151 2.16 -36.54 -14.60
C ALA A 151 2.80 -37.82 -14.09
N ASP A 152 2.42 -38.95 -14.69
CA ASP A 152 2.99 -40.24 -14.34
C ASP A 152 4.48 -40.25 -14.66
N TYR A 153 4.83 -39.69 -15.82
CA TYR A 153 6.22 -39.58 -16.30
C TYR A 153 7.07 -38.72 -15.35
N VAL A 154 6.59 -37.50 -15.06
CA VAL A 154 7.27 -36.53 -14.19
C VAL A 154 7.63 -37.13 -12.81
N ARG A 155 6.68 -37.86 -12.24
CA ARG A 155 6.81 -38.50 -10.92
C ARG A 155 7.85 -39.62 -10.87
N THR A 156 7.90 -40.40 -11.95
CA THR A 156 8.83 -41.52 -12.11
C THR A 156 10.23 -41.01 -12.48
N PHE A 157 10.30 -39.94 -13.27
CA PHE A 157 11.58 -39.34 -13.69
C PHE A 157 12.33 -38.73 -12.50
N PHE A 158 11.62 -37.94 -11.70
CA PHE A 158 12.22 -37.28 -10.56
C PHE A 158 12.61 -38.17 -9.39
N GLN A 159 12.08 -39.40 -9.39
CA GLN A 159 12.42 -40.41 -8.39
C GLN A 159 13.92 -40.76 -8.53
N ARG A 160 14.45 -40.67 -9.76
CA ARG A 160 15.86 -40.95 -10.07
C ARG A 160 16.79 -39.90 -9.48
N LEU A 161 16.26 -38.71 -9.22
CA LEU A 161 17.02 -37.60 -8.62
C LEU A 161 16.73 -37.47 -7.13
N ASN A 162 16.01 -38.46 -6.59
CA ASN A 162 15.59 -38.53 -5.18
C ASN A 162 14.63 -37.38 -4.78
N MET A 163 13.83 -36.91 -5.73
CA MET A 163 12.88 -35.82 -5.49
C MET A 163 11.43 -36.30 -5.28
N ASN A 164 10.79 -35.81 -4.23
CA ASN A 164 9.39 -36.16 -3.93
C ASN A 164 8.43 -35.16 -4.61
N ASP A 165 7.11 -35.34 -4.43
CA ASP A 165 6.07 -34.47 -5.02
C ASP A 165 6.24 -32.96 -4.82
N ARG A 166 6.57 -32.59 -3.59
CA ARG A 166 6.79 -31.21 -3.17
C ARG A 166 8.04 -30.59 -3.82
N GLU A 167 9.12 -31.36 -3.90
CA GLU A 167 10.38 -30.91 -4.49
C GLU A 167 10.29 -30.61 -5.97
N VAL A 168 9.56 -31.45 -6.72
CA VAL A 168 9.41 -31.27 -8.16
C VAL A 168 8.54 -30.07 -8.56
N VAL A 169 7.47 -29.82 -7.80
CA VAL A 169 6.54 -28.70 -8.04
C VAL A 169 7.30 -27.39 -7.80
N ALA A 170 8.10 -27.37 -6.74
CA ALA A 170 8.93 -26.22 -6.38
C ALA A 170 9.97 -25.94 -7.47
N LEU A 171 10.72 -26.98 -7.87
CA LEU A 171 11.75 -26.89 -8.91
C LEU A 171 11.16 -26.44 -10.25
N MET A 172 9.94 -26.91 -10.55
CA MET A 172 9.25 -26.54 -11.77
C MET A 172 8.85 -25.05 -11.81
N GLY A 173 8.86 -24.42 -10.64
CA GLY A 173 8.54 -23.00 -10.54
C GLY A 173 9.58 -22.07 -11.11
N ALA A 174 10.75 -22.62 -11.45
CA ALA A 174 11.87 -21.89 -12.08
C ALA A 174 11.47 -21.49 -13.48
N HIS A 175 10.43 -22.15 -14.01
CA HIS A 175 9.88 -21.89 -15.34
C HIS A 175 9.21 -20.52 -15.43
N ALA A 176 9.22 -19.80 -14.31
CA ALA A 176 8.70 -18.42 -14.23
C ALA A 176 9.71 -17.52 -14.96
N LEU A 177 10.93 -18.06 -15.16
CA LEU A 177 12.03 -17.40 -15.81
C LEU A 177 12.16 -17.82 -17.28
N GLY A 178 12.54 -16.86 -18.11
CA GLY A 178 12.74 -17.07 -19.52
C GLY A 178 11.61 -17.55 -20.41
N LYS A 179 11.97 -18.33 -21.43
CA LYS A 179 11.02 -18.84 -22.40
C LYS A 179 11.49 -20.11 -23.08
N THR A 180 10.65 -20.60 -23.99
CA THR A 180 10.94 -21.76 -24.81
C THR A 180 11.27 -21.16 -26.19
N HIS A 181 12.29 -21.72 -26.83
CA HIS A 181 12.76 -21.30 -28.14
C HIS A 181 12.56 -22.47 -29.08
N LEU A 182 11.84 -22.23 -30.19
CA LEU A 182 11.55 -23.26 -31.18
C LEU A 182 12.80 -23.85 -31.83
N LYS A 183 13.83 -23.03 -32.00
CA LYS A 183 15.11 -23.47 -32.63
C LYS A 183 15.86 -24.47 -31.75
N ASN A 184 15.68 -24.36 -30.44
CA ASN A 184 16.32 -25.21 -29.43
C ASN A 184 15.55 -26.48 -29.06
N SER A 185 14.29 -26.30 -28.65
CA SER A 185 13.45 -27.40 -28.17
C SER A 185 12.23 -27.84 -28.96
N GLY A 186 11.72 -26.99 -29.85
CA GLY A 186 10.54 -27.33 -30.60
C GLY A 186 9.27 -26.74 -30.00
N TYR A 187 9.43 -25.84 -29.03
CA TYR A 187 8.31 -25.17 -28.34
C TYR A 187 8.57 -23.66 -28.36
N GLU A 188 7.51 -22.86 -28.33
CA GLU A 188 7.69 -21.40 -28.40
C GLU A 188 6.80 -20.55 -27.47
N GLY A 189 7.45 -19.55 -26.85
CA GLY A 189 6.78 -18.62 -25.97
C GLY A 189 7.11 -18.68 -24.49
N PRO A 190 6.76 -17.62 -23.72
CA PRO A 190 7.03 -17.60 -22.28
C PRO A 190 5.97 -18.28 -21.41
N TRP A 191 6.33 -18.56 -20.16
CA TRP A 191 5.43 -19.16 -19.17
C TRP A 191 4.75 -18.04 -18.36
N GLY A 192 5.37 -16.85 -18.38
CA GLY A 192 4.88 -15.69 -17.66
C GLY A 192 5.36 -14.37 -18.23
N ALA A 193 4.95 -13.28 -17.60
CA ALA A 193 5.30 -11.92 -18.03
C ALA A 193 6.63 -11.39 -17.47
N ALA A 194 6.96 -11.78 -16.24
CA ALA A 194 8.19 -11.35 -15.56
C ALA A 194 9.33 -12.37 -15.79
N ASN A 195 9.65 -12.60 -17.06
CA ASN A 195 10.68 -13.55 -17.50
C ASN A 195 12.11 -13.48 -16.92
N ASN A 196 12.43 -12.45 -16.16
CA ASN A 196 13.75 -12.32 -15.54
C ASN A 196 13.73 -11.91 -14.05
N VAL A 197 12.57 -12.02 -13.43
CA VAL A 197 12.41 -11.72 -12.01
C VAL A 197 11.82 -13.02 -11.46
N PHE A 198 12.42 -13.52 -10.39
CA PHE A 198 12.00 -14.77 -9.77
C PHE A 198 10.80 -14.55 -8.86
N THR A 199 9.65 -15.07 -9.30
CA THR A 199 8.37 -14.96 -8.56
C THR A 199 7.61 -16.29 -8.67
N ASN A 200 6.41 -16.32 -8.06
CA ASN A 200 5.54 -17.48 -8.05
C ASN A 200 4.49 -17.47 -9.18
N GLU A 201 4.68 -16.60 -10.17
CA GLU A 201 3.75 -16.43 -11.30
C GLU A 201 3.39 -17.69 -12.09
N PHE A 202 4.33 -18.63 -12.16
CA PHE A 202 4.16 -19.91 -12.88
C PHE A 202 2.89 -20.62 -12.41
N TYR A 203 2.71 -20.65 -11.09
CA TYR A 203 1.55 -21.27 -10.42
C TYR A 203 0.26 -20.47 -10.54
N LEU A 204 0.36 -19.13 -10.51
CA LEU A 204 -0.80 -18.24 -10.63
C LEU A 204 -1.33 -18.31 -12.04
N ASN A 205 -0.41 -18.38 -13.02
CA ASN A 205 -0.75 -18.48 -14.44
C ASN A 205 -1.33 -19.85 -14.77
N LEU A 206 -0.86 -20.89 -14.06
CA LEU A 206 -1.33 -22.24 -14.30
C LEU A 206 -2.81 -22.47 -14.06
N LEU A 207 -3.35 -21.91 -12.99
CA LEU A 207 -4.77 -22.08 -12.66
C LEU A 207 -5.70 -20.87 -12.83
N ASN A 208 -5.14 -19.70 -13.12
CA ASN A 208 -5.96 -18.49 -13.30
C ASN A 208 -6.17 -18.12 -14.77
N GLU A 209 -5.36 -18.69 -15.67
CA GLU A 209 -5.48 -18.43 -17.10
C GLU A 209 -6.28 -19.52 -17.80
N ASP A 210 -6.82 -19.20 -18.97
CA ASP A 210 -7.59 -20.15 -19.77
C ASP A 210 -6.66 -20.76 -20.80
N TRP A 211 -6.44 -22.07 -20.66
CA TRP A 211 -5.54 -22.82 -21.54
C TRP A 211 -6.19 -23.67 -22.61
N LYS A 212 -5.64 -23.57 -23.82
CA LYS A 212 -6.11 -24.31 -25.00
C LYS A 212 -4.91 -25.02 -25.64
N LEU A 213 -5.07 -26.31 -25.94
CA LEU A 213 -4.02 -27.11 -26.56
C LEU A 213 -4.01 -26.88 -28.08
N GLU A 214 -2.89 -26.34 -28.56
CA GLU A 214 -2.67 -26.02 -29.97
C GLU A 214 -1.36 -26.63 -30.48
N LYS A 215 -1.12 -26.45 -31.78
CA LYS A 215 0.08 -26.92 -32.47
C LYS A 215 0.93 -25.71 -32.85
N ASN A 216 2.23 -25.77 -32.56
CA ASN A 216 3.16 -24.70 -32.92
C ASN A 216 3.76 -24.96 -34.30
N ASP A 217 4.77 -24.18 -34.71
CA ASP A 217 5.40 -24.33 -36.01
C ASP A 217 6.45 -25.46 -36.12
N ALA A 218 6.54 -26.28 -35.07
CA ALA A 218 7.46 -27.44 -35.05
C ALA A 218 6.61 -28.70 -34.95
N ASN A 219 5.30 -28.51 -35.12
CA ASN A 219 4.27 -29.56 -35.05
C ASN A 219 4.03 -30.18 -33.67
N ASN A 220 4.70 -29.63 -32.65
CA ASN A 220 4.55 -30.09 -31.27
C ASN A 220 3.30 -29.47 -30.62
N GLU A 221 2.72 -30.19 -29.66
CA GLU A 221 1.53 -29.72 -28.96
C GLU A 221 1.80 -29.04 -27.62
N GLN A 222 1.41 -27.77 -27.53
CA GLN A 222 1.59 -26.95 -26.34
C GLN A 222 0.31 -26.17 -25.93
N TRP A 223 0.19 -25.92 -24.62
CA TRP A 223 -0.96 -25.20 -24.04
C TRP A 223 -0.77 -23.69 -24.07
N ASP A 224 -1.62 -23.02 -24.84
CA ASP A 224 -1.55 -21.56 -24.98
C ASP A 224 -2.65 -20.80 -24.23
N SER A 225 -2.36 -19.54 -23.88
CA SER A 225 -3.33 -18.66 -23.21
C SER A 225 -3.62 -17.48 -24.11
N LYS A 226 -4.75 -16.80 -23.87
CA LYS A 226 -5.13 -15.63 -24.67
C LYS A 226 -4.19 -14.45 -24.45
N SER A 227 -3.51 -14.45 -23.31
CA SER A 227 -2.56 -13.40 -22.95
C SER A 227 -1.16 -13.60 -23.52
N GLY A 228 -1.02 -14.58 -24.40
CA GLY A 228 0.25 -14.86 -25.05
C GLY A 228 1.25 -15.82 -24.39
N TYR A 229 0.86 -16.44 -23.28
CA TYR A 229 1.75 -17.39 -22.56
C TYR A 229 1.58 -18.84 -23.01
N MET A 230 2.52 -19.69 -22.61
CA MET A 230 2.49 -21.11 -22.94
C MET A 230 2.88 -22.03 -21.77
N MET A 231 2.50 -23.29 -21.87
CA MET A 231 2.81 -24.33 -20.89
C MET A 231 3.18 -25.58 -21.68
N LEU A 232 4.15 -26.32 -21.16
CA LEU A 232 4.58 -27.58 -21.78
C LEU A 232 3.66 -28.69 -21.27
N PRO A 233 3.58 -29.84 -21.98
CA PRO A 233 2.70 -30.90 -21.47
C PRO A 233 3.02 -31.42 -20.05
N THR A 234 4.27 -31.25 -19.65
CA THR A 234 4.75 -31.65 -18.34
C THR A 234 4.39 -30.59 -17.29
N ASP A 235 4.34 -29.32 -17.71
CA ASP A 235 3.99 -28.20 -16.82
C ASP A 235 2.51 -28.22 -16.44
N TYR A 236 1.63 -28.44 -17.42
CA TYR A 236 0.19 -28.44 -17.18
C TYR A 236 -0.24 -29.73 -16.47
N SER A 237 0.65 -30.73 -16.44
CA SER A 237 0.40 -32.02 -15.78
C SER A 237 0.32 -31.81 -14.27
N LEU A 238 0.82 -30.64 -13.85
CA LEU A 238 0.83 -30.24 -12.46
C LEU A 238 -0.55 -29.83 -11.92
N ILE A 239 -1.51 -29.56 -12.80
CA ILE A 239 -2.87 -29.24 -12.34
C ILE A 239 -3.86 -30.35 -12.70
N GLN A 240 -3.37 -31.34 -13.45
CA GLN A 240 -4.19 -32.48 -13.86
C GLN A 240 -4.16 -33.54 -12.75
N ASP A 241 -3.00 -33.67 -12.12
CA ASP A 241 -2.77 -34.63 -11.04
C ASP A 241 -3.24 -34.00 -9.73
N PRO A 242 -4.13 -34.69 -8.97
CA PRO A 242 -4.67 -34.19 -7.70
C PRO A 242 -3.65 -33.86 -6.60
N LYS A 243 -2.57 -34.66 -6.54
CA LYS A 243 -1.50 -34.50 -5.55
C LYS A 243 -0.64 -33.28 -5.85
N TYR A 244 -0.37 -33.05 -7.13
CA TYR A 244 0.43 -31.92 -7.59
C TYR A 244 -0.35 -30.60 -7.50
N LEU A 245 -1.66 -30.69 -7.81
CA LEU A 245 -2.59 -29.54 -7.79
C LEU A 245 -2.64 -28.83 -6.44
N SER A 246 -2.65 -29.62 -5.35
CA SER A 246 -2.69 -29.09 -3.98
C SER A 246 -1.47 -28.23 -3.62
N ILE A 247 -0.30 -28.68 -4.07
CA ILE A 247 0.95 -27.98 -3.83
C ILE A 247 1.04 -26.72 -4.69
N VAL A 248 0.53 -26.80 -5.92
CA VAL A 248 0.50 -25.67 -6.86
C VAL A 248 -0.32 -24.50 -6.27
N LYS A 249 -1.49 -24.82 -5.69
CA LYS A 249 -2.38 -23.81 -5.06
C LYS A 249 -1.70 -23.20 -3.83
N GLU A 250 -0.94 -24.04 -3.11
CA GLU A 250 -0.21 -23.62 -1.91
C GLU A 250 0.91 -22.63 -2.27
N TYR A 251 1.52 -22.83 -3.43
CA TYR A 251 2.58 -21.94 -3.89
C TYR A 251 2.06 -20.68 -4.55
N ALA A 252 0.85 -20.76 -5.10
CA ALA A 252 0.20 -19.63 -5.75
C ALA A 252 -0.28 -18.59 -4.71
N ASN A 253 -0.62 -19.08 -3.51
CA ASN A 253 -1.10 -18.26 -2.39
C ASN A 253 0.01 -17.74 -1.48
N ASP A 254 1.07 -18.53 -1.34
CA ASP A 254 2.20 -18.19 -0.47
C ASP A 254 3.52 -18.25 -1.26
N GLN A 255 4.09 -17.08 -1.54
CA GLN A 255 5.35 -16.98 -2.28
C GLN A 255 6.54 -17.32 -1.40
N ASP A 256 6.46 -16.93 -0.12
CA ASP A 256 7.52 -17.21 0.85
C ASP A 256 7.72 -18.71 1.07
N LYS A 257 6.63 -19.48 1.00
CA LYS A 257 6.69 -20.94 1.14
C LYS A 257 7.36 -21.53 -0.10
N PHE A 258 7.05 -20.98 -1.28
CA PHE A 258 7.65 -21.42 -2.54
C PHE A 258 9.16 -21.16 -2.47
N PHE A 259 9.51 -19.91 -2.11
CA PHE A 259 10.89 -19.46 -1.99
C PHE A 259 11.76 -20.34 -1.10
N LYS A 260 11.24 -20.72 0.08
CA LYS A 260 11.97 -21.58 1.01
C LYS A 260 12.06 -23.02 0.53
N ASP A 261 11.03 -23.46 -0.18
CA ASP A 261 10.96 -24.82 -0.74
C ASP A 261 11.84 -25.01 -1.98
N PHE A 262 11.95 -23.96 -2.80
CA PHE A 262 12.76 -23.99 -4.02
C PHE A 262 14.24 -24.10 -3.65
N SER A 263 14.66 -23.26 -2.70
CA SER A 263 16.03 -23.20 -2.21
C SER A 263 16.61 -24.48 -1.65
N LYS A 264 15.83 -25.22 -0.86
CA LYS A 264 16.29 -26.49 -0.31
C LYS A 264 16.37 -27.53 -1.43
N ALA A 265 15.37 -27.50 -2.32
CA ALA A 265 15.27 -28.43 -3.45
C ALA A 265 16.35 -28.24 -4.52
N PHE A 266 16.71 -26.97 -4.75
CA PHE A 266 17.71 -26.58 -5.74
C PHE A 266 19.11 -26.87 -5.20
N GLU A 267 19.30 -26.64 -3.90
CA GLU A 267 20.57 -26.92 -3.25
C GLU A 267 20.81 -28.43 -3.28
N LYS A 268 19.74 -29.18 -3.05
CA LYS A 268 19.76 -30.64 -3.08
C LYS A 268 20.07 -31.13 -4.49
N LEU A 269 19.51 -30.47 -5.50
CA LEU A 269 19.73 -30.81 -6.91
C LEU A 269 21.21 -30.64 -7.35
N LEU A 270 21.79 -29.53 -6.93
CA LEU A 270 23.14 -29.16 -7.25
C LEU A 270 24.19 -29.96 -6.49
N GLU A 271 23.80 -30.44 -5.31
CA GLU A 271 24.65 -31.24 -4.45
C GLU A 271 24.53 -32.75 -4.57
N ASN A 272 23.55 -33.21 -5.36
CA ASN A 272 23.29 -34.66 -5.55
C ASN A 272 24.49 -35.50 -6.06
N GLY A 273 24.81 -36.54 -5.29
CA GLY A 273 25.90 -37.45 -5.64
C GLY A 273 27.27 -37.14 -5.11
N ILE A 274 27.33 -36.08 -4.30
CA ILE A 274 28.56 -35.59 -3.68
C ILE A 274 28.56 -35.91 -2.19
N THR A 275 29.71 -36.36 -1.69
CA THR A 275 29.89 -36.68 -0.28
C THR A 275 30.79 -35.61 0.31
N PHE A 276 30.22 -34.81 1.21
CA PHE A 276 30.96 -33.74 1.88
C PHE A 276 31.50 -34.27 3.21
N PRO A 277 32.84 -34.19 3.43
CA PRO A 277 33.45 -34.65 4.68
C PRO A 277 33.01 -33.80 5.87
N LYS A 278 33.36 -34.25 7.08
CA LYS A 278 33.02 -33.56 8.32
C LYS A 278 33.84 -32.29 8.50
N ASP A 279 35.07 -32.32 7.97
CA ASP A 279 35.98 -31.17 8.07
C ASP A 279 35.66 -30.05 7.08
N ALA A 280 34.86 -30.38 6.06
CA ALA A 280 34.43 -29.44 5.01
C ALA A 280 33.64 -28.26 5.60
N PRO A 281 33.83 -27.03 5.06
CA PRO A 281 33.11 -25.85 5.57
C PRO A 281 31.59 -25.93 5.39
N SER A 282 30.87 -25.24 6.26
CA SER A 282 29.40 -25.17 6.22
C SER A 282 29.03 -24.27 5.03
N PRO A 283 27.92 -24.57 4.31
CA PRO A 283 27.45 -23.79 3.14
C PRO A 283 27.58 -22.27 3.15
N PHE A 284 27.90 -21.73 1.96
CA PHE A 284 28.09 -20.30 1.75
C PHE A 284 26.81 -19.62 1.28
N ILE A 285 26.50 -18.49 1.92
CA ILE A 285 25.36 -17.68 1.55
C ILE A 285 26.01 -16.37 1.06
N PHE A 286 25.92 -16.11 -0.25
CA PHE A 286 26.53 -14.92 -0.83
C PHE A 286 25.73 -13.65 -0.81
N LYS A 287 26.48 -12.56 -0.75
CA LYS A 287 25.96 -11.21 -0.73
C LYS A 287 25.66 -10.76 -2.15
N THR A 288 24.41 -10.32 -2.39
CA THR A 288 24.01 -9.85 -3.71
C THR A 288 24.67 -8.51 -3.99
N LEU A 289 24.59 -8.07 -5.25
CA LEU A 289 25.15 -6.79 -5.69
C LEU A 289 24.41 -5.64 -5.04
N GLU A 290 23.09 -5.79 -4.87
CA GLU A 290 22.24 -4.78 -4.22
C GLU A 290 22.62 -4.64 -2.74
N GLU A 291 23.05 -5.76 -2.13
CA GLU A 291 23.48 -5.78 -0.72
C GLU A 291 24.88 -5.17 -0.51
N GLN A 292 25.62 -4.99 -1.62
CA GLN A 292 26.96 -4.40 -1.60
C GLN A 292 26.88 -2.93 -2.07
N GLY A 293 25.64 -2.45 -2.22
CA GLY A 293 25.37 -1.08 -2.64
C GLY A 293 25.31 -0.81 -4.13
N LEU A 294 25.37 -1.86 -4.93
CA LEU A 294 25.35 -1.72 -6.39
C LEU A 294 23.94 -1.83 -6.98
N THR B 1 17.12 19.23 -18.39
CA THR B 1 16.94 18.99 -16.92
C THR B 1 18.10 18.12 -16.40
N GLU B 2 17.90 17.46 -15.25
CA GLU B 2 18.92 16.57 -14.64
C GLU B 2 19.09 15.34 -15.54
N PHE B 3 17.95 14.85 -16.03
CA PHE B 3 17.90 13.73 -16.96
C PHE B 3 18.14 14.42 -18.30
N LYS B 4 18.83 13.74 -19.21
CA LYS B 4 19.10 14.35 -20.51
C LYS B 4 17.93 14.16 -21.50
N ALA B 5 18.15 13.45 -22.58
CA ALA B 5 17.14 13.14 -23.61
C ALA B 5 17.87 12.39 -24.69
N GLY B 6 17.37 11.20 -25.02
CA GLY B 6 18.00 10.37 -26.01
C GLY B 6 17.16 10.08 -27.23
N SER B 7 17.36 8.87 -27.75
CA SER B 7 16.68 8.36 -28.94
C SER B 7 15.32 7.71 -28.62
N ALA B 8 14.30 8.16 -29.36
CA ALA B 8 12.92 7.69 -29.22
C ALA B 8 12.65 6.36 -29.89
N LYS B 9 13.47 6.00 -30.87
CA LYS B 9 13.34 4.75 -31.61
C LYS B 9 14.04 3.58 -30.91
N LYS B 10 15.08 3.90 -30.12
CA LYS B 10 15.83 2.91 -29.34
C LYS B 10 14.95 2.59 -28.12
N GLY B 11 14.23 3.63 -27.65
CA GLY B 11 13.33 3.51 -26.52
C GLY B 11 12.07 2.74 -26.84
N ALA B 12 11.77 2.62 -28.14
CA ALA B 12 10.61 1.87 -28.62
C ALA B 12 10.89 0.37 -28.53
N THR B 13 12.14 -0.03 -28.81
CA THR B 13 12.53 -1.45 -28.73
C THR B 13 12.65 -1.87 -27.25
N LEU B 14 13.05 -0.93 -26.40
CA LEU B 14 13.20 -1.12 -24.95
C LEU B 14 11.83 -1.34 -24.30
N PHE B 15 10.82 -0.60 -24.76
CA PHE B 15 9.46 -0.74 -24.26
C PHE B 15 8.90 -2.06 -24.74
N LYS B 16 9.03 -2.29 -26.04
CA LYS B 16 8.51 -3.52 -26.69
C LYS B 16 9.06 -4.83 -26.12
N THR B 17 10.32 -4.83 -25.66
CA THR B 17 10.92 -6.02 -25.06
C THR B 17 10.76 -6.10 -23.56
N ARG B 18 10.83 -4.94 -22.91
CA ARG B 18 10.78 -4.86 -21.45
C ARG B 18 9.52 -4.32 -20.73
N CYS B 19 8.56 -3.72 -21.44
CA CYS B 19 7.35 -3.19 -20.79
C CYS B 19 6.01 -3.63 -21.34
N LEU B 20 5.95 -3.86 -22.66
CA LEU B 20 4.72 -4.26 -23.37
C LEU B 20 4.02 -5.57 -22.96
N GLN B 21 4.69 -6.42 -22.17
CA GLN B 21 4.07 -7.68 -21.70
C GLN B 21 2.97 -7.30 -20.71
N CYS B 22 3.21 -6.19 -19.99
CA CYS B 22 2.29 -5.71 -18.98
C CYS B 22 1.60 -4.39 -19.25
N HIS B 23 2.18 -3.56 -20.12
CA HIS B 23 1.66 -2.22 -20.41
C HIS B 23 1.35 -1.82 -21.86
N THR B 24 0.25 -1.07 -22.02
CA THR B 24 -0.15 -0.49 -23.31
C THR B 24 -0.01 1.03 -23.11
N VAL B 25 0.32 1.76 -24.18
CA VAL B 25 0.50 3.21 -24.10
C VAL B 25 -0.45 4.11 -24.87
N GLU B 26 -1.29 3.51 -25.72
CA GLU B 26 -2.26 4.26 -26.52
C GLU B 26 -3.56 4.62 -25.79
N LYS B 27 -4.23 5.65 -26.29
CA LYS B 27 -5.50 6.17 -25.75
C LYS B 27 -6.63 5.14 -25.59
N GLY B 28 -7.14 5.03 -24.36
CA GLY B 28 -8.22 4.11 -24.05
C GLY B 28 -7.78 2.65 -24.00
N GLY B 29 -6.46 2.44 -24.07
CA GLY B 29 -5.86 1.11 -24.04
C GLY B 29 -6.19 0.25 -22.84
N PRO B 30 -6.29 -1.08 -22.99
CA PRO B 30 -6.61 -1.99 -21.89
C PRO B 30 -5.53 -2.21 -20.84
N HIS B 31 -5.98 -2.54 -19.63
CA HIS B 31 -5.11 -2.84 -18.50
C HIS B 31 -4.79 -4.33 -18.61
N LYS B 32 -3.50 -4.68 -18.65
CA LYS B 32 -3.07 -6.10 -18.70
C LYS B 32 -2.61 -6.47 -17.29
N VAL B 33 -1.34 -6.88 -17.12
CA VAL B 33 -0.78 -7.22 -15.82
C VAL B 33 -0.57 -5.87 -15.10
N GLY B 34 -0.28 -4.86 -15.93
CA GLY B 34 -0.08 -3.49 -15.45
C GLY B 34 -1.07 -2.53 -16.06
N PRO B 35 -1.21 -1.29 -15.51
CA PRO B 35 -2.17 -0.34 -16.08
C PRO B 35 -1.75 0.33 -17.37
N ASN B 36 -2.73 0.95 -18.02
CA ASN B 36 -2.52 1.70 -19.26
C ASN B 36 -1.72 2.92 -18.79
N LEU B 37 -0.67 3.23 -19.54
CA LEU B 37 0.23 4.33 -19.23
C LEU B 37 0.02 5.60 -20.05
N HIS B 38 -1.14 5.72 -20.69
CA HIS B 38 -1.41 6.93 -21.48
C HIS B 38 -1.80 8.03 -20.49
N GLY B 39 -1.09 9.14 -20.57
CA GLY B 39 -1.32 10.27 -19.70
C GLY B 39 -0.72 10.07 -18.32
N ILE B 40 0.37 9.30 -18.25
CA ILE B 40 1.05 9.01 -16.99
C ILE B 40 1.87 10.21 -16.50
N PHE B 41 2.37 11.02 -17.43
CA PHE B 41 3.15 12.20 -17.07
C PHE B 41 2.22 13.39 -16.73
N GLY B 42 2.38 13.91 -15.51
CA GLY B 42 1.58 15.01 -15.03
C GLY B 42 0.39 14.51 -14.23
N ARG B 43 0.37 13.20 -14.01
CA ARG B 43 -0.66 12.51 -13.26
C ARG B 43 0.00 11.95 -12.00
N HIS B 44 -0.80 11.81 -10.95
CA HIS B 44 -0.34 11.27 -9.68
C HIS B 44 -0.37 9.75 -9.72
N SER B 45 0.54 9.12 -8.98
CA SER B 45 0.64 7.65 -8.94
C SER B 45 -0.57 6.96 -8.32
N GLY B 46 -1.09 5.97 -9.03
CA GLY B 46 -2.22 5.22 -8.56
C GLY B 46 -3.57 5.82 -8.90
N GLN B 47 -3.65 6.55 -10.01
CA GLN B 47 -4.90 7.19 -10.43
C GLN B 47 -5.60 6.75 -11.70
N ALA B 48 -5.07 5.73 -12.40
CA ALA B 48 -5.72 5.22 -13.61
C ALA B 48 -6.93 4.40 -13.20
N GLU B 49 -8.12 4.93 -13.52
CA GLU B 49 -9.39 4.26 -13.18
C GLU B 49 -9.64 2.95 -13.93
N GLY B 50 -10.24 1.99 -13.21
CA GLY B 50 -10.53 0.69 -13.79
C GLY B 50 -9.49 -0.35 -13.41
N TYR B 51 -8.37 0.10 -12.84
CA TYR B 51 -7.28 -0.79 -12.42
C TYR B 51 -7.17 -0.83 -10.89
N SER B 52 -6.86 -2.02 -10.37
CA SER B 52 -6.70 -2.27 -8.94
C SER B 52 -5.22 -2.29 -8.54
N TYR B 53 -4.78 -1.18 -7.96
CA TYR B 53 -3.42 -0.99 -7.49
C TYR B 53 -3.27 -1.51 -6.07
N THR B 54 -2.02 -1.53 -5.62
CA THR B 54 -1.68 -1.92 -4.25
C THR B 54 -1.83 -0.60 -3.46
N ASP B 55 -1.99 -0.69 -2.15
CA ASP B 55 -2.12 0.48 -1.30
C ASP B 55 -0.87 1.37 -1.28
N ALA B 56 0.28 0.75 -1.56
CA ALA B 56 1.58 1.42 -1.59
C ALA B 56 1.76 2.39 -2.77
N ASN B 57 1.23 2.03 -3.94
CA ASN B 57 1.34 2.87 -5.16
C ASN B 57 0.44 4.11 -5.08
N ILE B 58 -0.69 3.98 -4.40
CA ILE B 58 -1.64 5.09 -4.21
C ILE B 58 -1.16 5.98 -3.05
N LYS B 59 -0.68 5.37 -1.96
CA LYS B 59 -0.21 6.11 -0.77
C LYS B 59 1.08 6.92 -0.98
N LYS B 60 1.85 6.53 -1.99
CA LYS B 60 3.10 7.18 -2.38
C LYS B 60 2.78 8.58 -2.90
N ASN B 61 1.72 8.67 -3.71
CA ASN B 61 1.18 9.89 -4.31
C ASN B 61 2.21 10.91 -4.83
N VAL B 62 2.89 10.53 -5.91
CA VAL B 62 3.86 11.42 -6.52
C VAL B 62 3.38 11.74 -7.93
N LEU B 63 3.58 12.99 -8.34
CA LEU B 63 3.23 13.49 -9.66
C LEU B 63 4.34 12.98 -10.58
N TRP B 64 4.00 12.14 -11.55
CA TRP B 64 5.01 11.58 -12.44
C TRP B 64 5.68 12.52 -13.43
N ASP B 65 6.91 12.89 -13.10
CA ASP B 65 7.71 13.73 -13.98
C ASP B 65 8.87 12.87 -14.43
N GLU B 66 9.57 13.35 -15.45
CA GLU B 66 10.70 12.65 -16.06
C GLU B 66 11.81 12.26 -15.10
N ASN B 67 11.95 13.00 -14.00
CA ASN B 67 13.01 12.75 -13.02
C ASN B 67 12.73 11.64 -11.98
N ASN B 68 11.55 11.69 -11.36
CA ASN B 68 11.16 10.67 -10.37
C ASN B 68 10.81 9.34 -11.01
N MET B 69 10.59 9.39 -12.32
CA MET B 69 10.26 8.22 -13.14
C MET B 69 11.55 7.48 -13.46
N SER B 70 12.64 8.23 -13.63
CA SER B 70 13.96 7.70 -13.92
C SER B 70 14.49 7.05 -12.65
N GLU B 71 13.99 7.52 -11.50
CA GLU B 71 14.35 6.98 -10.18
C GLU B 71 13.59 5.68 -9.91
N TYR B 72 12.37 5.61 -10.44
CA TYR B 72 11.50 4.46 -10.30
C TYR B 72 11.91 3.28 -11.16
N LEU B 73 12.28 3.56 -12.41
CA LEU B 73 12.70 2.49 -13.34
C LEU B 73 14.09 1.92 -13.08
N THR B 74 14.81 2.49 -12.13
CA THR B 74 16.12 2.10 -11.71
C THR B 74 15.97 0.91 -10.75
N ASN B 75 14.98 1.07 -9.85
CA ASN B 75 14.67 0.10 -8.79
C ASN B 75 13.26 0.37 -8.19
N PRO B 76 12.20 -0.26 -8.75
CA PRO B 76 10.80 -0.12 -8.31
C PRO B 76 10.49 -0.38 -6.84
N LYS B 77 11.01 -1.48 -6.32
CA LYS B 77 10.80 -1.86 -4.94
C LYS B 77 11.50 -0.97 -3.91
N LYS B 78 12.54 -0.25 -4.33
CA LYS B 78 13.25 0.68 -3.43
C LYS B 78 12.51 2.02 -3.40
N TYR B 79 11.92 2.42 -4.54
CA TYR B 79 11.19 3.68 -4.65
C TYR B 79 9.80 3.61 -4.02
N ILE B 80 9.04 2.57 -4.35
CA ILE B 80 7.70 2.36 -3.79
C ILE B 80 7.74 0.97 -3.14
N PRO B 81 8.04 0.87 -1.83
CA PRO B 81 8.08 -0.43 -1.16
C PRO B 81 6.69 -1.08 -1.11
N GLY B 82 6.62 -2.35 -1.49
CA GLY B 82 5.36 -3.07 -1.49
C GLY B 82 4.62 -3.12 -2.82
N THR B 83 5.21 -2.54 -3.87
CA THR B 83 4.60 -2.55 -5.21
C THR B 83 4.67 -3.94 -5.83
N LYS B 84 3.67 -4.31 -6.62
CA LYS B 84 3.65 -5.63 -7.24
C LYS B 84 4.19 -5.67 -8.68
N MET B 85 4.88 -4.59 -9.08
CA MET B 85 5.51 -4.49 -10.39
C MET B 85 6.78 -5.36 -10.33
N ALA B 86 6.64 -6.61 -10.76
CA ALA B 86 7.75 -7.57 -10.81
C ALA B 86 8.66 -7.14 -11.96
N TRP B 87 9.66 -6.35 -11.60
CA TRP B 87 10.61 -5.78 -12.55
C TRP B 87 12.03 -5.67 -11.98
N GLY B 88 13.02 -5.95 -12.82
CA GLY B 88 14.41 -5.89 -12.41
C GLY B 88 14.92 -4.47 -12.26
N GLY B 89 14.84 -3.70 -13.34
CA GLY B 89 15.29 -2.34 -13.33
C GLY B 89 16.25 -2.00 -14.45
N LEU B 90 16.19 -0.75 -14.90
CA LEU B 90 17.07 -0.24 -15.94
C LEU B 90 18.24 0.36 -15.16
N LYS B 91 19.37 -0.33 -15.23
CA LYS B 91 20.58 0.06 -14.51
C LYS B 91 21.47 1.03 -15.26
N LYS B 92 21.31 1.07 -16.58
CA LYS B 92 22.08 1.97 -17.42
C LYS B 92 21.28 3.24 -17.70
N GLU B 93 21.91 4.39 -17.46
CA GLU B 93 21.29 5.70 -17.65
C GLU B 93 20.88 5.98 -19.10
N LYS B 94 21.65 5.48 -20.06
CA LYS B 94 21.33 5.67 -21.48
C LYS B 94 19.99 5.03 -21.81
N ASP B 95 19.73 3.85 -21.25
CA ASP B 95 18.48 3.11 -21.45
C ASP B 95 17.30 3.78 -20.75
N ARG B 96 17.58 4.55 -19.70
CA ARG B 96 16.56 5.26 -18.94
C ARG B 96 16.12 6.49 -19.73
N ASN B 97 17.09 7.22 -20.29
CA ASN B 97 16.86 8.41 -21.10
C ASN B 97 16.08 8.05 -22.37
N ASP B 98 16.55 6.99 -23.04
CA ASP B 98 15.95 6.50 -24.28
C ASP B 98 14.48 6.09 -24.14
N LEU B 99 14.14 5.47 -23.01
CA LEU B 99 12.79 5.02 -22.74
C LEU B 99 11.86 6.13 -22.26
N ILE B 100 12.41 7.07 -21.49
CA ILE B 100 11.61 8.20 -20.98
C ILE B 100 11.27 9.15 -22.13
N THR B 101 12.18 9.25 -23.12
CA THR B 101 11.94 10.12 -24.27
C THR B 101 10.92 9.51 -25.23
N TYR B 102 10.82 8.18 -25.23
CA TYR B 102 9.84 7.49 -26.08
C TYR B 102 8.48 7.51 -25.37
N LEU B 103 8.50 7.35 -24.04
CA LEU B 103 7.28 7.32 -23.24
C LEU B 103 6.62 8.70 -23.24
N LYS B 104 7.46 9.74 -23.30
CA LYS B 104 7.02 11.14 -23.34
C LYS B 104 6.17 11.38 -24.60
N LYS B 105 6.59 10.72 -25.68
CA LYS B 105 5.97 10.80 -27.00
C LYS B 105 4.70 9.94 -27.15
N ALA B 106 4.81 8.70 -26.69
CA ALA B 106 3.76 7.69 -26.75
C ALA B 106 2.57 7.94 -25.82
N CYS B 107 2.82 8.61 -24.70
CA CYS B 107 1.79 8.89 -23.71
C CYS B 107 1.47 10.38 -23.55
N GLU B 108 1.19 11.02 -24.70
CA GLU B 108 0.84 12.47 -24.86
C GLU B 108 1.99 13.44 -24.54
N THR C 1 -52.57 13.49 -2.07
CA THR C 1 -52.17 14.84 -1.58
C THR C 1 -50.68 15.13 -1.77
N THR C 2 -49.87 14.05 -1.90
CA THR C 2 -48.40 14.08 -2.08
C THR C 2 -47.66 14.66 -0.83
N PRO C 3 -46.34 14.40 -0.63
CA PRO C 3 -45.68 14.97 0.55
C PRO C 3 -45.73 16.50 0.74
N LEU C 4 -45.34 16.95 1.94
CA LEU C 4 -45.30 18.38 2.28
C LEU C 4 -44.18 19.02 1.49
N VAL C 5 -44.40 20.24 1.03
CA VAL C 5 -43.36 20.95 0.28
C VAL C 5 -42.86 22.11 1.13
N HIS C 6 -41.56 22.06 1.36
CA HIS C 6 -40.84 23.04 2.15
C HIS C 6 -40.03 23.92 1.20
N VAL C 7 -40.57 25.10 0.92
CA VAL C 7 -39.97 26.07 0.02
C VAL C 7 -38.96 26.97 0.74
N ALA C 8 -37.76 27.07 0.15
CA ALA C 8 -36.70 27.91 0.68
C ALA C 8 -36.98 29.40 0.47
N SER C 9 -37.10 30.11 1.58
CA SER C 9 -37.36 31.54 1.60
C SER C 9 -36.22 32.23 2.32
N VAL C 10 -35.40 32.94 1.54
CA VAL C 10 -34.22 33.68 2.03
C VAL C 10 -34.66 34.81 2.95
N GLU C 11 -34.05 34.87 4.14
CA GLU C 11 -34.32 35.89 5.16
C GLU C 11 -34.21 37.29 4.55
N LYS C 12 -35.34 38.02 4.62
CA LYS C 12 -35.51 39.36 4.07
C LYS C 12 -34.36 40.37 4.14
N GLY C 13 -33.85 40.70 2.96
CA GLY C 13 -32.75 41.65 2.81
C GLY C 13 -31.34 41.14 3.11
N ARG C 14 -31.17 39.82 3.20
CA ARG C 14 -29.86 39.23 3.53
C ARG C 14 -29.15 38.54 2.36
N SER C 15 -27.82 38.60 2.38
CA SER C 15 -26.98 38.01 1.34
C SER C 15 -25.77 37.27 1.90
N TYR C 16 -24.83 36.89 1.03
CA TYR C 16 -23.59 36.17 1.40
C TYR C 16 -22.86 36.76 2.59
N GLU C 17 -22.63 38.08 2.54
CA GLU C 17 -21.88 38.78 3.59
C GLU C 17 -22.48 38.71 4.99
N ASP C 18 -23.80 38.75 5.10
CA ASP C 18 -24.50 38.67 6.38
C ASP C 18 -24.29 37.28 7.00
N PHE C 19 -24.27 36.26 6.14
CA PHE C 19 -24.06 34.87 6.57
C PHE C 19 -22.60 34.58 6.89
N GLN C 20 -21.68 35.29 6.22
CA GLN C 20 -20.23 35.14 6.45
C GLN C 20 -19.91 35.71 7.83
N LYS C 21 -20.70 36.72 8.22
CA LYS C 21 -20.58 37.38 9.51
C LYS C 21 -21.04 36.46 10.65
N VAL C 22 -22.00 35.58 10.35
CA VAL C 22 -22.52 34.60 11.33
C VAL C 22 -21.50 33.45 11.42
N TYR C 23 -20.95 33.05 10.27
CA TYR C 23 -19.92 32.00 10.19
C TYR C 23 -18.75 32.41 11.08
N ASN C 24 -18.30 33.65 10.88
CA ASN C 24 -17.18 34.24 11.62
C ASN C 24 -17.32 34.26 13.13
N ALA C 25 -18.54 34.52 13.60
CA ALA C 25 -18.86 34.57 15.03
C ALA C 25 -18.87 33.18 15.68
N ILE C 26 -19.28 32.16 14.91
CA ILE C 26 -19.34 30.76 15.38
C ILE C 26 -17.89 30.26 15.42
N ALA C 27 -17.14 30.66 14.40
CA ALA C 27 -15.74 30.31 14.21
C ALA C 27 -14.80 30.92 15.23
N LEU C 28 -15.12 32.13 15.70
CA LEU C 28 -14.29 32.80 16.70
C LEU C 28 -14.49 32.18 18.09
N LYS C 29 -15.75 31.94 18.46
CA LYS C 29 -16.13 31.35 19.74
C LYS C 29 -15.64 29.88 19.85
N LEU C 30 -15.42 29.26 18.70
CA LEU C 30 -14.95 27.89 18.58
C LEU C 30 -13.46 27.80 18.92
N ARG C 31 -12.79 28.93 18.72
CA ARG C 31 -11.37 29.08 18.97
C ARG C 31 -11.13 29.65 20.38
N GLU C 32 -12.06 30.46 20.87
CA GLU C 32 -11.97 31.09 22.20
C GLU C 32 -12.37 30.19 23.36
N ASP C 33 -13.40 29.36 23.15
CA ASP C 33 -13.90 28.44 24.19
C ASP C 33 -13.34 27.04 23.98
N ASP C 34 -12.02 27.00 23.81
CA ASP C 34 -11.27 25.75 23.56
C ASP C 34 -11.06 24.82 24.76
N GLU C 35 -11.70 25.12 25.89
CA GLU C 35 -11.54 24.30 27.11
C GLU C 35 -12.49 23.10 27.18
N TYR C 36 -13.65 23.26 26.56
CA TYR C 36 -14.71 22.24 26.53
C TYR C 36 -14.29 20.81 26.16
N ASP C 37 -14.83 19.85 26.93
CA ASP C 37 -14.62 18.41 26.80
C ASP C 37 -13.12 18.05 26.78
N ASN C 38 -12.40 18.50 27.82
CA ASN C 38 -10.97 18.28 28.01
C ASN C 38 -10.13 18.69 26.81
N TYR C 39 -10.38 19.94 26.41
CA TYR C 39 -9.75 20.65 25.30
C TYR C 39 -10.00 20.20 23.86
N ILE C 40 -11.07 19.43 23.64
CA ILE C 40 -11.45 18.99 22.29
C ILE C 40 -12.12 20.18 21.59
N GLY C 41 -12.83 20.99 22.38
CA GLY C 41 -13.54 22.15 21.85
C GLY C 41 -14.95 21.76 21.45
N TYR C 42 -15.75 22.74 21.04
CA TYR C 42 -17.14 22.53 20.63
C TYR C 42 -17.31 22.12 19.17
N GLY C 43 -16.20 21.97 18.44
CA GLY C 43 -16.26 21.59 17.03
C GLY C 43 -16.95 20.27 16.70
N PRO C 44 -16.71 19.17 17.45
CA PRO C 44 -17.38 17.90 17.14
C PRO C 44 -18.86 17.86 17.52
N VAL C 45 -19.25 18.54 18.60
CA VAL C 45 -20.64 18.56 19.04
C VAL C 45 -21.54 19.37 18.09
N LEU C 46 -20.92 20.26 17.28
CA LEU C 46 -21.67 21.07 16.31
C LEU C 46 -22.00 20.35 15.00
N VAL C 47 -21.08 19.50 14.52
CA VAL C 47 -21.34 18.70 13.31
C VAL C 47 -22.32 17.58 13.68
N ARG C 48 -22.25 17.14 14.95
CA ARG C 48 -23.17 16.11 15.47
C ARG C 48 -24.59 16.72 15.63
N LEU C 49 -24.68 18.01 15.93
CA LEU C 49 -25.97 18.71 16.06
C LEU C 49 -26.58 18.87 14.66
N ALA C 50 -25.74 19.30 13.71
CA ALA C 50 -26.16 19.50 12.32
C ALA C 50 -26.70 18.21 11.71
N TRP C 51 -26.12 17.09 12.14
CA TRP C 51 -26.51 15.77 11.66
C TRP C 51 -27.78 15.24 12.34
N HIS C 52 -27.94 15.46 13.64
CA HIS C 52 -29.15 15.00 14.33
C HIS C 52 -30.44 15.77 13.99
N THR C 53 -30.32 17.06 13.65
CA THR C 53 -31.50 17.88 13.27
C THR C 53 -31.96 17.53 11.85
N SER C 54 -31.01 17.05 11.03
CA SER C 54 -31.26 16.67 9.63
C SER C 54 -31.59 15.18 9.48
N GLY C 55 -31.06 14.38 10.40
CA GLY C 55 -31.24 12.94 10.39
C GLY C 55 -32.64 12.43 10.72
N THR C 56 -33.52 13.34 11.11
CA THR C 56 -34.92 13.01 11.42
C THR C 56 -35.80 12.96 10.18
N TRP C 57 -35.22 13.26 9.01
CA TRP C 57 -35.93 13.26 7.73
C TRP C 57 -36.38 11.90 7.26
N ASP C 58 -37.57 11.89 6.67
CA ASP C 58 -38.16 10.71 6.10
C ASP C 58 -38.59 11.14 4.71
N LYS C 59 -37.97 10.54 3.69
CA LYS C 59 -38.27 10.84 2.28
C LYS C 59 -39.71 10.59 1.82
N HIS C 60 -40.32 9.54 2.39
CA HIS C 60 -41.69 9.12 2.08
C HIS C 60 -42.80 10.14 2.27
N ASP C 61 -42.71 10.95 3.33
CA ASP C 61 -43.72 11.97 3.62
C ASP C 61 -43.17 13.35 3.98
N ASN C 62 -41.86 13.53 3.72
CA ASN C 62 -41.09 14.76 3.94
C ASN C 62 -41.15 15.40 5.33
N THR C 63 -41.34 14.56 6.34
CA THR C 63 -41.39 15.02 7.73
C THR C 63 -39.97 15.00 8.31
N GLY C 64 -39.70 15.98 9.18
CA GLY C 64 -38.39 16.10 9.79
C GLY C 64 -37.49 16.96 8.94
N GLY C 65 -36.18 16.74 9.05
CA GLY C 65 -35.22 17.50 8.27
C GLY C 65 -34.77 18.76 8.98
N SER C 66 -33.85 19.49 8.35
CA SER C 66 -33.29 20.72 8.90
C SER C 66 -34.18 21.97 8.82
N TYR C 67 -35.08 22.00 7.84
CA TYR C 67 -35.99 23.11 7.55
C TYR C 67 -36.63 23.88 8.70
N GLY C 68 -37.54 23.21 9.40
CA GLY C 68 -38.29 23.81 10.50
C GLY C 68 -37.60 24.17 11.80
N GLY C 69 -36.32 23.78 11.93
CA GLY C 69 -35.53 24.06 13.14
C GLY C 69 -36.19 23.61 14.43
N THR C 70 -37.00 22.56 14.30
CA THR C 70 -37.80 21.97 15.36
C THR C 70 -37.09 21.43 16.61
N TYR C 71 -35.75 21.43 16.59
CA TYR C 71 -34.90 20.98 17.70
C TYR C 71 -35.04 21.88 18.93
N ARG C 72 -35.51 23.11 18.73
CA ARG C 72 -35.72 24.09 19.80
C ARG C 72 -36.91 23.71 20.71
N PHE C 73 -37.74 22.79 20.23
CA PHE C 73 -38.90 22.32 20.98
C PHE C 73 -38.57 21.09 21.83
N LYS C 74 -39.08 21.13 23.06
CA LYS C 74 -38.92 20.11 24.10
C LYS C 74 -38.87 18.62 23.70
N LYS C 75 -39.79 18.19 22.82
CA LYS C 75 -39.88 16.79 22.38
C LYS C 75 -38.63 16.25 21.67
N GLU C 76 -38.07 17.05 20.78
CA GLU C 76 -36.87 16.68 20.02
C GLU C 76 -35.64 16.96 20.86
N PHE C 77 -35.68 18.07 21.61
CA PHE C 77 -34.61 18.53 22.50
C PHE C 77 -34.29 17.50 23.58
N ASN C 78 -35.32 16.81 24.06
CA ASN C 78 -35.16 15.80 25.10
C ASN C 78 -35.15 14.35 24.62
N ASP C 79 -34.92 14.17 23.32
CA ASP C 79 -34.84 12.84 22.71
C ASP C 79 -33.59 12.15 23.27
N PRO C 80 -33.70 10.89 23.78
CA PRO C 80 -32.57 10.13 24.34
C PRO C 80 -31.37 10.05 23.39
N SER C 81 -31.68 10.09 22.09
CA SER C 81 -30.68 10.06 21.01
C SER C 81 -29.93 11.39 20.92
N ASN C 82 -30.57 12.46 21.40
CA ASN C 82 -29.99 13.81 21.37
C ASN C 82 -29.25 14.25 22.63
N ALA C 83 -29.05 13.32 23.57
CA ALA C 83 -28.35 13.60 24.83
C ALA C 83 -26.89 14.06 24.58
N GLY C 84 -26.55 15.22 25.14
CA GLY C 84 -25.23 15.78 24.96
C GLY C 84 -25.22 16.96 24.01
N LEU C 85 -26.24 17.06 23.15
CA LEU C 85 -26.37 18.15 22.17
C LEU C 85 -26.81 19.50 22.74
N GLN C 86 -27.27 19.50 24.00
CA GLN C 86 -27.71 20.73 24.70
C GLN C 86 -26.55 21.73 24.79
N ASN C 87 -25.33 21.19 24.81
CA ASN C 87 -24.09 21.97 24.87
C ASN C 87 -23.82 22.71 23.56
N GLY C 88 -24.29 22.14 22.46
CA GLY C 88 -24.15 22.76 21.15
C GLY C 88 -25.19 23.86 20.97
N PHE C 89 -26.36 23.68 21.59
CA PHE C 89 -27.46 24.64 21.56
C PHE C 89 -27.06 25.86 22.40
N LYS C 90 -26.52 25.61 23.59
CA LYS C 90 -26.08 26.67 24.52
C LYS C 90 -24.89 27.49 24.00
N PHE C 91 -24.14 26.89 23.08
CA PHE C 91 -23.01 27.52 22.41
C PHE C 91 -23.57 28.47 21.34
N LEU C 92 -24.60 28.01 20.64
CA LEU C 92 -25.24 28.77 19.56
C LEU C 92 -26.32 29.77 19.95
N GLU C 93 -26.82 29.70 21.19
CA GLU C 93 -27.86 30.64 21.64
C GLU C 93 -27.45 32.11 21.74
N PRO C 94 -26.20 32.44 22.19
CA PRO C 94 -25.89 33.88 22.25
C PRO C 94 -25.55 34.47 20.86
N ILE C 95 -25.36 33.58 19.88
CA ILE C 95 -25.07 33.93 18.49
C ILE C 95 -26.41 34.19 17.81
N HIS C 96 -27.44 33.50 18.29
CA HIS C 96 -28.81 33.62 17.81
C HIS C 96 -29.37 34.96 18.31
N LYS C 97 -28.86 35.40 19.46
CA LYS C 97 -29.27 36.67 20.07
C LYS C 97 -28.60 37.87 19.37
N GLU C 98 -27.42 37.65 18.78
CA GLU C 98 -26.70 38.70 18.07
C GLU C 98 -27.16 38.83 16.62
N PHE C 99 -27.75 37.75 16.11
CA PHE C 99 -28.31 37.68 14.75
C PHE C 99 -29.74 37.10 14.86
N PRO C 100 -30.72 37.85 15.44
CA PRO C 100 -32.10 37.34 15.59
C PRO C 100 -32.89 37.06 14.32
N TRP C 101 -32.38 37.56 13.20
CA TRP C 101 -33.00 37.41 11.89
C TRP C 101 -32.78 36.03 11.24
N ILE C 102 -31.79 35.28 11.72
CA ILE C 102 -31.48 33.95 11.19
C ILE C 102 -32.40 32.91 11.80
N SER C 103 -32.95 32.04 10.96
CA SER C 103 -33.84 30.97 11.41
C SER C 103 -33.02 29.89 12.16
N SER C 104 -33.72 29.09 12.97
CA SER C 104 -33.11 28.05 13.79
C SER C 104 -32.41 26.96 12.98
N GLY C 105 -33.06 26.52 11.90
CA GLY C 105 -32.52 25.49 11.03
C GLY C 105 -31.29 25.94 10.29
N ASP C 106 -31.28 27.22 9.93
CA ASP C 106 -30.15 27.84 9.24
C ASP C 106 -28.92 27.93 10.15
N LEU C 107 -29.15 28.28 11.42
CA LEU C 107 -28.07 28.41 12.40
C LEU C 107 -27.45 27.06 12.81
N PHE C 108 -28.30 26.05 13.06
CA PHE C 108 -27.83 24.71 13.45
C PHE C 108 -26.99 24.06 12.33
N SER C 109 -27.47 24.21 11.09
CA SER C 109 -26.84 23.67 9.90
C SER C 109 -25.53 24.38 9.55
N LEU C 110 -25.52 25.71 9.71
CA LEU C 110 -24.35 26.55 9.47
C LEU C 110 -23.29 26.25 10.53
N GLY C 111 -23.74 25.96 11.75
CA GLY C 111 -22.84 25.61 12.85
C GLY C 111 -21.96 24.40 12.49
N GLY C 112 -22.58 23.43 11.81
CA GLY C 112 -21.89 22.22 11.37
C GLY C 112 -20.89 22.45 10.26
N VAL C 113 -21.29 23.26 9.27
CA VAL C 113 -20.47 23.64 8.11
C VAL C 113 -19.24 24.44 8.59
N THR C 114 -19.47 25.32 9.55
CA THR C 114 -18.42 26.16 10.15
C THR C 114 -17.40 25.30 10.90
N ALA C 115 -17.91 24.36 11.70
CA ALA C 115 -17.08 23.48 12.51
C ALA C 115 -16.13 22.59 11.69
N VAL C 116 -16.63 22.03 10.58
CA VAL C 116 -15.81 21.16 9.73
C VAL C 116 -14.69 21.95 9.05
N GLN C 117 -15.04 23.14 8.52
CA GLN C 117 -14.10 24.01 7.81
C GLN C 117 -13.01 24.55 8.72
N GLU C 118 -13.40 24.98 9.93
CA GLU C 118 -12.49 25.51 10.92
C GLU C 118 -11.57 24.44 11.52
N MET C 119 -12.02 23.18 11.46
CA MET C 119 -11.23 22.04 11.93
C MET C 119 -10.39 21.46 10.79
N GLN C 120 -10.05 22.33 9.81
CA GLN C 120 -9.23 22.03 8.62
C GLN C 120 -9.84 21.02 7.63
N GLY C 121 -11.17 20.99 7.59
CA GLY C 121 -11.86 20.09 6.67
C GLY C 121 -12.09 20.70 5.30
N PRO C 122 -12.83 20.01 4.40
CA PRO C 122 -13.11 20.55 3.07
C PRO C 122 -14.11 21.69 3.11
N LYS C 123 -14.17 22.45 2.01
CA LYS C 123 -15.12 23.56 1.90
C LYS C 123 -16.48 22.97 1.62
N ILE C 124 -17.46 23.30 2.47
CA ILE C 124 -18.82 22.80 2.31
C ILE C 124 -19.79 23.89 1.87
N PRO C 125 -20.34 23.77 0.63
CA PRO C 125 -21.29 24.75 0.09
C PRO C 125 -22.56 24.72 0.96
N TRP C 126 -23.02 25.90 1.38
CA TRP C 126 -24.16 26.00 2.25
C TRP C 126 -25.23 26.91 1.67
N ARG C 127 -26.48 26.46 1.77
CA ARG C 127 -27.63 27.20 1.29
C ARG C 127 -28.62 27.59 2.38
N CYS C 128 -29.08 28.84 2.31
CA CYS C 128 -30.04 29.40 3.27
C CYS C 128 -31.44 29.19 2.76
N GLY C 129 -32.41 29.68 3.53
CA GLY C 129 -33.79 29.57 3.12
C GLY C 129 -34.71 28.80 4.03
N ARG C 130 -34.14 28.15 5.04
CA ARG C 130 -34.92 27.36 6.00
C ARG C 130 -35.78 28.29 6.85
N VAL C 131 -37.04 27.91 7.05
CA VAL C 131 -38.01 28.68 7.83
C VAL C 131 -38.49 27.90 9.06
N ASP C 132 -38.60 28.61 10.19
CA ASP C 132 -39.07 28.03 11.45
C ASP C 132 -40.56 27.67 11.34
N THR C 133 -40.87 26.40 11.62
CA THR C 133 -42.23 25.89 11.54
C THR C 133 -42.80 25.60 12.95
N PRO C 134 -44.14 25.64 13.14
CA PRO C 134 -44.78 25.38 14.46
C PRO C 134 -44.43 24.07 15.19
N GLU C 135 -44.77 24.03 16.49
CA GLU C 135 -44.53 22.89 17.40
C GLU C 135 -45.26 21.58 17.04
N ASP C 136 -46.23 21.68 16.13
CA ASP C 136 -47.00 20.53 15.65
C ASP C 136 -46.20 19.69 14.65
N THR C 137 -45.30 20.35 13.93
CA THR C 137 -44.44 19.72 12.92
C THR C 137 -43.20 19.03 13.47
N THR C 138 -43.08 18.99 14.80
CA THR C 138 -41.96 18.38 15.50
C THR C 138 -42.00 16.84 15.37
N PRO C 139 -40.91 16.22 14.87
CA PRO C 139 -40.83 14.75 14.70
C PRO C 139 -40.87 13.98 16.02
N ASP C 140 -41.46 12.78 15.98
CA ASP C 140 -41.52 11.91 17.15
C ASP C 140 -40.14 11.28 17.35
N ASN C 141 -39.80 11.02 18.61
CA ASN C 141 -38.52 10.41 19.01
C ASN C 141 -38.28 9.05 18.37
N GLY C 142 -37.01 8.69 18.22
CA GLY C 142 -36.64 7.41 17.66
C GLY C 142 -36.46 7.29 16.14
N ARG C 143 -36.14 8.39 15.48
CA ARG C 143 -35.92 8.38 14.04
C ARG C 143 -34.43 8.30 13.68
N LEU C 144 -33.58 8.52 14.68
CA LEU C 144 -32.12 8.48 14.57
C LEU C 144 -31.58 7.02 14.69
N PRO C 145 -30.35 6.72 14.23
CA PRO C 145 -29.82 5.35 14.30
C PRO C 145 -29.27 4.80 15.63
N ASP C 146 -29.47 3.49 15.83
CA ASP C 146 -29.00 2.75 17.01
C ASP C 146 -27.57 2.31 16.65
N ALA C 147 -26.68 2.34 17.64
CA ALA C 147 -25.28 1.97 17.43
C ALA C 147 -24.99 0.48 17.54
N ASP C 148 -25.83 -0.25 18.27
CA ASP C 148 -25.70 -1.69 18.48
C ASP C 148 -26.33 -2.51 17.33
N LYS C 149 -25.91 -2.19 16.10
CA LYS C 149 -26.42 -2.85 14.90
C LYS C 149 -25.35 -3.18 13.85
N ASP C 150 -25.74 -3.90 12.80
CA ASP C 150 -24.83 -4.31 11.71
C ASP C 150 -25.04 -3.58 10.37
N ALA C 151 -24.27 -3.98 9.34
CA ALA C 151 -24.31 -3.37 8.01
C ALA C 151 -25.64 -3.34 7.29
N ASP C 152 -26.44 -4.38 7.52
CA ASP C 152 -27.78 -4.50 6.94
C ASP C 152 -28.69 -3.40 7.46
N TYR C 153 -28.57 -3.08 8.75
CA TYR C 153 -29.35 -2.02 9.39
C TYR C 153 -28.94 -0.66 8.85
N VAL C 154 -27.63 -0.42 8.75
CA VAL C 154 -27.06 0.86 8.28
C VAL C 154 -27.48 1.19 6.85
N ARG C 155 -27.41 0.18 5.97
CA ARG C 155 -27.79 0.31 4.56
C ARG C 155 -29.28 0.57 4.39
N THR C 156 -30.09 -0.09 5.20
CA THR C 156 -31.54 0.08 5.15
C THR C 156 -31.98 1.34 5.87
N PHE C 157 -31.18 1.81 6.84
CA PHE C 157 -31.48 3.05 7.59
C PHE C 157 -31.31 4.27 6.70
N PHE C 158 -30.12 4.40 6.12
CA PHE C 158 -29.78 5.53 5.25
C PHE C 158 -30.55 5.62 3.93
N GLN C 159 -31.29 4.56 3.64
CA GLN C 159 -32.16 4.49 2.47
C GLN C 159 -33.28 5.52 2.67
N ARG C 160 -33.71 5.67 3.93
CA ARG C 160 -34.75 6.63 4.33
C ARG C 160 -34.30 8.09 4.13
N LEU C 161 -32.99 8.27 4.03
CA LEU C 161 -32.38 9.59 3.86
C LEU C 161 -31.86 9.83 2.42
N ASN C 162 -32.24 8.93 1.51
CA ASN C 162 -31.85 8.95 0.08
C ASN C 162 -30.31 8.82 -0.09
N MET C 163 -29.66 8.17 0.88
CA MET C 163 -28.19 8.01 0.87
C MET C 163 -27.74 6.63 0.40
N ASN C 164 -26.85 6.60 -0.59
CA ASN C 164 -26.31 5.34 -1.11
C ASN C 164 -25.07 4.91 -0.33
N ASP C 165 -24.47 3.78 -0.73
CA ASP C 165 -23.28 3.19 -0.09
C ASP C 165 -22.08 4.14 0.03
N ARG C 166 -21.83 4.90 -1.03
CA ARG C 166 -20.73 5.86 -1.09
C ARG C 166 -20.99 7.06 -0.16
N GLU C 167 -22.24 7.51 -0.10
CA GLU C 167 -22.62 8.64 0.76
C GLU C 167 -22.53 8.33 2.27
N VAL C 168 -22.90 7.11 2.67
CA VAL C 168 -22.85 6.72 4.09
C VAL C 168 -21.45 6.45 4.66
N VAL C 169 -20.55 5.90 3.82
CA VAL C 169 -19.18 5.61 4.27
C VAL C 169 -18.44 6.94 4.41
N ALA C 170 -18.76 7.88 3.52
CA ALA C 170 -18.19 9.24 3.54
C ALA C 170 -18.66 10.02 4.77
N LEU C 171 -19.96 9.93 5.07
CA LEU C 171 -20.57 10.62 6.24
C LEU C 171 -20.09 10.09 7.59
N MET C 172 -19.77 8.78 7.64
CA MET C 172 -19.31 8.15 8.88
C MET C 172 -17.90 8.56 9.26
N GLY C 173 -17.18 9.15 8.29
CA GLY C 173 -15.82 9.60 8.53
C GLY C 173 -15.68 10.79 9.45
N ALA C 174 -16.82 11.40 9.81
CA ALA C 174 -16.90 12.54 10.72
C ALA C 174 -16.62 12.06 12.13
N HIS C 175 -16.52 10.74 12.26
CA HIS C 175 -16.21 10.07 13.50
C HIS C 175 -14.73 10.21 13.85
N ALA C 176 -13.95 10.83 12.96
CA ALA C 176 -12.54 11.11 13.22
C ALA C 176 -12.49 12.27 14.23
N LEU C 177 -13.66 12.88 14.44
CA LEU C 177 -13.83 14.00 15.37
C LEU C 177 -14.54 13.57 16.64
N GLY C 178 -14.06 14.12 17.75
CA GLY C 178 -14.64 13.86 19.05
C GLY C 178 -14.57 12.47 19.65
N LYS C 179 -15.53 12.22 20.54
CA LYS C 179 -15.62 10.96 21.25
C LYS C 179 -17.03 10.57 21.66
N THR C 180 -17.14 9.34 22.15
CA THR C 180 -18.39 8.81 22.67
C THR C 180 -18.27 9.02 24.17
N HIS C 181 -19.36 9.48 24.79
CA HIS C 181 -19.40 9.73 26.24
C HIS C 181 -20.35 8.73 26.88
N LEU C 182 -19.90 8.11 27.97
CA LEU C 182 -20.67 7.09 28.69
C LEU C 182 -22.02 7.57 29.25
N LYS C 183 -22.03 8.78 29.80
CA LYS C 183 -23.22 9.38 30.38
C LYS C 183 -24.31 9.74 29.34
N ASN C 184 -23.91 9.82 28.07
CA ASN C 184 -24.80 10.14 26.95
C ASN C 184 -25.39 8.96 26.16
N SER C 185 -24.51 8.22 25.49
CA SER C 185 -24.87 7.11 24.61
C SER C 185 -24.66 5.70 25.10
N GLY C 186 -23.96 5.54 26.22
CA GLY C 186 -23.65 4.23 26.76
C GLY C 186 -22.35 3.64 26.18
N TYR C 187 -21.54 4.47 25.49
CA TYR C 187 -20.26 4.04 24.91
C TYR C 187 -19.13 5.00 25.36
N GLU C 188 -17.88 4.52 25.43
CA GLU C 188 -16.78 5.40 25.89
C GLU C 188 -15.45 5.35 25.12
N GLY C 189 -14.97 6.56 24.77
CA GLY C 189 -13.71 6.73 24.07
C GLY C 189 -13.72 7.35 22.69
N PRO C 190 -12.52 7.74 22.16
CA PRO C 190 -12.41 8.35 20.83
C PRO C 190 -12.23 7.34 19.72
N TRP C 191 -12.34 7.80 18.47
CA TRP C 191 -12.16 6.94 17.31
C TRP C 191 -10.73 7.08 16.76
N GLY C 192 -10.01 8.07 17.26
CA GLY C 192 -8.65 8.35 16.82
C GLY C 192 -7.92 9.25 17.79
N ALA C 193 -6.76 9.76 17.35
CA ALA C 193 -5.93 10.63 18.16
C ALA C 193 -6.16 12.12 17.94
N ALA C 194 -6.37 12.50 16.69
CA ALA C 194 -6.63 13.89 16.28
C ALA C 194 -8.13 14.20 16.32
N ASN C 195 -8.64 14.43 17.52
CA ASN C 195 -10.07 14.68 17.79
C ASN C 195 -10.71 15.99 17.33
N ASN C 196 -9.91 17.00 17.01
CA ASN C 196 -10.48 18.28 16.54
C ASN C 196 -9.91 18.81 15.24
N VAL C 197 -9.41 17.89 14.41
CA VAL C 197 -8.89 18.21 13.10
C VAL C 197 -9.45 17.13 12.18
N PHE C 198 -10.10 17.58 11.12
CA PHE C 198 -10.76 16.72 10.15
C PHE C 198 -9.76 16.06 9.19
N THR C 199 -9.63 14.74 9.33
CA THR C 199 -8.73 13.92 8.53
C THR C 199 -9.43 12.60 8.18
N ASN C 200 -8.74 11.72 7.45
CA ASN C 200 -9.27 10.41 7.07
C ASN C 200 -8.85 9.34 8.08
N GLU C 201 -8.48 9.79 9.28
CA GLU C 201 -8.00 8.93 10.37
C GLU C 201 -8.94 7.79 10.75
N PHE C 202 -10.26 8.04 10.62
CA PHE C 202 -11.29 7.04 10.93
C PHE C 202 -11.09 5.74 10.13
N TYR C 203 -10.84 5.90 8.84
CA TYR C 203 -10.62 4.78 7.92
C TYR C 203 -9.29 4.07 8.09
N LEU C 204 -8.25 4.81 8.48
CA LEU C 204 -6.91 4.26 8.69
C LEU C 204 -6.86 3.44 9.96
N ASN C 205 -7.56 3.91 10.99
CA ASN C 205 -7.65 3.25 12.29
C ASN C 205 -8.49 1.99 12.19
N LEU C 206 -9.48 2.04 11.30
CA LEU C 206 -10.41 0.94 11.07
C LEU C 206 -9.80 -0.32 10.45
N LEU C 207 -8.77 -0.16 9.62
CA LEU C 207 -8.14 -1.33 8.98
C LEU C 207 -6.67 -1.57 9.30
N ASN C 208 -6.08 -0.73 10.16
CA ASN C 208 -4.67 -0.89 10.56
C ASN C 208 -4.53 -1.28 12.03
N GLU C 209 -5.53 -0.95 12.85
CA GLU C 209 -5.49 -1.28 14.28
C GLU C 209 -6.10 -2.66 14.51
N ASP C 210 -5.70 -3.28 15.63
CA ASP C 210 -6.20 -4.59 16.03
C ASP C 210 -7.36 -4.35 17.00
N TRP C 211 -8.57 -4.70 16.58
CA TRP C 211 -9.78 -4.52 17.38
C TRP C 211 -10.23 -5.78 18.08
N LYS C 212 -10.61 -5.61 19.34
CA LYS C 212 -11.13 -6.69 20.20
C LYS C 212 -12.48 -6.23 20.74
N LEU C 213 -13.47 -7.13 20.74
CA LEU C 213 -14.81 -6.84 21.26
C LEU C 213 -14.86 -7.02 22.78
N GLU C 214 -15.04 -5.90 23.49
CA GLU C 214 -15.13 -5.89 24.95
C GLU C 214 -16.43 -5.23 25.38
N LYS C 215 -16.65 -5.14 26.69
CA LYS C 215 -17.86 -4.52 27.25
C LYS C 215 -17.43 -3.34 28.09
N ASN C 216 -18.10 -2.21 27.91
CA ASN C 216 -17.80 -0.98 28.65
C ASN C 216 -18.52 -0.97 30.01
N ASP C 217 -18.43 0.15 30.74
CA ASP C 217 -19.05 0.28 32.06
C ASP C 217 -20.58 0.42 32.05
N ALA C 218 -21.16 0.57 30.86
CA ALA C 218 -22.61 0.71 30.71
C ALA C 218 -23.23 -0.58 30.16
N ASN C 219 -22.44 -1.67 30.18
CA ASN C 219 -22.82 -3.00 29.70
C ASN C 219 -23.04 -3.20 28.19
N ASN C 220 -22.75 -2.16 27.40
CA ASN C 220 -22.86 -2.24 25.94
C ASN C 220 -21.53 -2.76 25.39
N GLU C 221 -21.55 -3.31 24.17
CA GLU C 221 -20.33 -3.86 23.57
C GLU C 221 -19.76 -3.02 22.45
N GLN C 222 -18.45 -2.78 22.55
CA GLN C 222 -17.70 -2.00 21.56
C GLN C 222 -16.35 -2.65 21.20
N TRP C 223 -15.80 -2.22 20.06
CA TRP C 223 -14.52 -2.73 19.56
C TRP C 223 -13.39 -1.78 19.98
N ASP C 224 -12.51 -2.28 20.84
CA ASP C 224 -11.38 -1.53 21.37
C ASP C 224 -9.99 -1.93 20.86
N SER C 225 -9.08 -0.96 20.84
CA SER C 225 -7.70 -1.17 20.41
C SER C 225 -6.76 -0.95 21.59
N LYS C 226 -5.51 -1.37 21.41
CA LYS C 226 -4.45 -1.23 22.42
C LYS C 226 -4.08 0.24 22.61
N SER C 227 -4.19 1.02 21.54
CA SER C 227 -3.89 2.45 21.52
C SER C 227 -4.86 3.29 22.34
N GLY C 228 -6.01 2.70 22.70
CA GLY C 228 -7.00 3.41 23.50
C GLY C 228 -8.11 4.05 22.69
N TYR C 229 -8.37 3.52 21.50
CA TYR C 229 -9.42 4.00 20.61
C TYR C 229 -10.58 3.01 20.62
N MET C 230 -11.74 3.43 20.11
CA MET C 230 -12.91 2.57 20.03
C MET C 230 -13.65 2.74 18.71
N MET C 231 -14.52 1.76 18.44
CA MET C 231 -15.39 1.71 17.26
C MET C 231 -16.73 1.20 17.74
N LEU C 232 -17.81 1.77 17.18
CA LEU C 232 -19.16 1.35 17.52
C LEU C 232 -19.47 0.13 16.64
N PRO C 233 -20.46 -0.72 17.03
CA PRO C 233 -20.77 -1.89 16.19
C PRO C 233 -21.16 -1.51 14.76
N THR C 234 -21.68 -0.30 14.59
CA THR C 234 -22.04 0.24 13.27
C THR C 234 -20.80 0.70 12.50
N ASP C 235 -19.80 1.22 13.21
CA ASP C 235 -18.53 1.67 12.60
C ASP C 235 -17.76 0.46 12.09
N TYR C 236 -17.57 -0.53 12.96
CA TYR C 236 -16.87 -1.77 12.61
C TYR C 236 -17.60 -2.56 11.52
N SER C 237 -18.90 -2.28 11.35
CA SER C 237 -19.72 -2.96 10.33
C SER C 237 -19.31 -2.58 8.91
N LEU C 238 -18.63 -1.43 8.79
CA LEU C 238 -18.16 -0.93 7.50
C LEU C 238 -17.05 -1.81 6.92
N ILE C 239 -16.30 -2.52 7.77
CA ILE C 239 -15.26 -3.43 7.26
C ILE C 239 -15.73 -4.88 7.18
N GLN C 240 -16.96 -5.13 7.63
CA GLN C 240 -17.55 -6.47 7.61
C GLN C 240 -18.31 -6.70 6.31
N ASP C 241 -18.84 -5.63 5.75
CA ASP C 241 -19.59 -5.66 4.50
C ASP C 241 -18.59 -5.45 3.37
N PRO C 242 -18.55 -6.39 2.38
CA PRO C 242 -17.62 -6.31 1.24
C PRO C 242 -17.72 -5.08 0.32
N LYS C 243 -18.92 -4.51 0.22
CA LYS C 243 -19.17 -3.32 -0.62
C LYS C 243 -18.71 -2.03 0.07
N TYR C 244 -18.88 -1.99 1.39
CA TYR C 244 -18.50 -0.87 2.23
C TYR C 244 -16.99 -0.88 2.48
N LEU C 245 -16.42 -2.08 2.54
CA LEU C 245 -14.98 -2.29 2.78
C LEU C 245 -14.11 -1.70 1.68
N SER C 246 -14.51 -1.86 0.42
CA SER C 246 -13.74 -1.31 -0.71
C SER C 246 -13.77 0.23 -0.78
N ILE C 247 -14.82 0.83 -0.21
CA ILE C 247 -14.98 2.29 -0.17
C ILE C 247 -14.13 2.84 1.01
N VAL C 248 -14.05 2.07 2.11
CA VAL C 248 -13.25 2.43 3.28
C VAL C 248 -11.75 2.48 2.87
N LYS C 249 -11.30 1.43 2.16
CA LYS C 249 -9.92 1.33 1.67
C LYS C 249 -9.55 2.50 0.74
N GLU C 250 -10.51 2.89 -0.09
CA GLU C 250 -10.37 4.00 -1.04
C GLU C 250 -10.12 5.34 -0.33
N TYR C 251 -10.80 5.56 0.79
CA TYR C 251 -10.66 6.80 1.56
C TYR C 251 -9.42 6.83 2.46
N ALA C 252 -8.95 5.65 2.89
CA ALA C 252 -7.75 5.55 3.72
C ALA C 252 -6.50 5.84 2.84
N ASN C 253 -6.60 5.45 1.57
CA ASN C 253 -5.55 5.64 0.58
C ASN C 253 -5.51 7.07 0.01
N ASP C 254 -6.68 7.71 -0.09
CA ASP C 254 -6.80 9.06 -0.63
C ASP C 254 -7.76 9.92 0.20
N GLN C 255 -7.19 10.92 0.88
CA GLN C 255 -7.92 11.86 1.73
C GLN C 255 -8.69 12.87 0.88
N ASP C 256 -8.15 13.22 -0.29
CA ASP C 256 -8.79 14.17 -1.19
C ASP C 256 -10.09 13.65 -1.80
N LYS C 257 -10.16 12.35 -2.00
CA LYS C 257 -11.36 11.70 -2.55
C LYS C 257 -12.45 11.68 -1.45
N PHE C 258 -12.01 11.51 -0.19
CA PHE C 258 -12.88 11.51 0.99
C PHE C 258 -13.46 12.91 1.21
N PHE C 259 -12.58 13.92 1.21
CA PHE C 259 -12.94 15.33 1.40
C PHE C 259 -14.00 15.78 0.39
N LYS C 260 -13.82 15.38 -0.87
CA LYS C 260 -14.75 15.71 -1.94
C LYS C 260 -16.09 15.00 -1.79
N ASP C 261 -16.06 13.71 -1.43
CA ASP C 261 -17.26 12.90 -1.23
C ASP C 261 -18.07 13.33 0.00
N PHE C 262 -17.37 13.75 1.06
CA PHE C 262 -17.98 14.21 2.31
C PHE C 262 -18.78 15.50 2.10
N SER C 263 -18.13 16.49 1.48
CA SER C 263 -18.74 17.80 1.21
C SER C 263 -20.02 17.71 0.41
N LYS C 264 -20.06 16.72 -0.49
CA LYS C 264 -21.22 16.48 -1.33
C LYS C 264 -22.31 15.78 -0.52
N ALA C 265 -21.92 14.77 0.25
CA ALA C 265 -22.86 14.01 1.09
C ALA C 265 -23.41 14.79 2.30
N PHE C 266 -22.59 15.67 2.87
CA PHE C 266 -22.95 16.50 4.01
C PHE C 266 -23.91 17.61 3.60
N GLU C 267 -23.68 18.14 2.39
CA GLU C 267 -24.51 19.20 1.82
C GLU C 267 -25.89 18.63 1.54
N LYS C 268 -25.92 17.41 1.01
CA LYS C 268 -27.16 16.72 0.67
C LYS C 268 -27.98 16.40 1.93
N LEU C 269 -27.29 15.98 2.99
CA LEU C 269 -27.91 15.65 4.27
C LEU C 269 -28.59 16.87 4.88
N LEU C 270 -27.86 17.98 4.93
CA LEU C 270 -28.36 19.22 5.51
C LEU C 270 -29.40 19.98 4.69
N GLU C 271 -29.51 19.62 3.41
CA GLU C 271 -30.45 20.22 2.47
C GLU C 271 -31.65 19.33 2.12
N ASN C 272 -31.67 18.11 2.66
CA ASN C 272 -32.74 17.12 2.44
C ASN C 272 -34.13 17.60 2.89
N GLY C 273 -35.09 17.53 1.97
CA GLY C 273 -36.45 17.95 2.25
C GLY C 273 -36.77 19.39 1.94
N ILE C 274 -35.79 20.11 1.39
CA ILE C 274 -35.95 21.52 1.03
C ILE C 274 -36.04 21.70 -0.49
N THR C 275 -37.03 22.49 -0.92
CA THR C 275 -37.25 22.80 -2.33
C THR C 275 -36.73 24.23 -2.54
N PHE C 276 -35.71 24.35 -3.38
CA PHE C 276 -35.10 25.63 -3.70
C PHE C 276 -35.67 26.21 -5.00
N PRO C 277 -36.29 27.42 -4.94
CA PRO C 277 -36.85 28.05 -6.15
C PRO C 277 -35.69 28.40 -7.08
N LYS C 278 -35.95 28.52 -8.38
CA LYS C 278 -34.88 28.84 -9.33
C LYS C 278 -34.43 30.30 -9.36
N ASP C 279 -34.98 31.11 -8.43
CA ASP C 279 -34.62 32.51 -8.29
C ASP C 279 -33.68 32.66 -7.09
N ALA C 280 -33.53 31.56 -6.34
CA ALA C 280 -32.69 31.48 -5.14
C ALA C 280 -31.21 31.63 -5.48
N PRO C 281 -30.41 32.24 -4.58
CA PRO C 281 -28.98 32.40 -4.85
C PRO C 281 -28.20 31.09 -4.90
N SER C 282 -27.06 31.14 -5.57
CA SER C 282 -26.15 29.99 -5.72
C SER C 282 -25.55 29.65 -4.34
N PRO C 283 -25.19 28.37 -4.08
CA PRO C 283 -24.61 28.01 -2.78
C PRO C 283 -23.37 28.79 -2.38
N PHE C 284 -23.36 29.21 -1.12
CA PHE C 284 -22.29 30.00 -0.53
C PHE C 284 -21.14 29.14 -0.02
N ILE C 285 -19.92 29.55 -0.38
CA ILE C 285 -18.69 28.90 0.05
C ILE C 285 -18.00 29.97 0.89
N PHE C 286 -18.03 29.75 2.21
CA PHE C 286 -17.47 30.66 3.18
C PHE C 286 -15.98 30.54 3.37
N LYS C 287 -15.38 31.71 3.60
CA LYS C 287 -13.95 31.81 3.81
C LYS C 287 -13.65 31.62 5.29
N THR C 288 -12.65 30.79 5.56
CA THR C 288 -12.23 30.48 6.92
C THR C 288 -11.58 31.68 7.62
N LEU C 289 -11.40 31.56 8.93
CA LEU C 289 -10.80 32.60 9.75
C LEU C 289 -9.35 32.87 9.32
N GLU C 290 -8.62 31.79 9.06
CA GLU C 290 -7.22 31.85 8.61
C GLU C 290 -7.12 32.57 7.26
N GLU C 291 -8.12 32.37 6.41
CA GLU C 291 -8.20 33.00 5.08
C GLU C 291 -8.52 34.50 5.13
N GLN C 292 -9.02 34.97 6.28
CA GLN C 292 -9.36 36.37 6.48
C GLN C 292 -8.32 37.13 7.33
N GLY C 293 -7.29 36.41 7.79
CA GLY C 293 -6.22 37.02 8.57
C GLY C 293 -5.98 36.60 10.01
N LEU C 294 -6.88 35.77 10.53
CA LEU C 294 -6.84 35.30 11.91
C LEU C 294 -6.07 33.98 12.10
N THR D 1 13.21 36.17 27.83
CA THR D 1 13.28 36.18 26.32
C THR D 1 12.04 36.92 25.78
N GLU D 2 11.75 36.77 24.47
CA GLU D 2 10.58 37.41 23.85
C GLU D 2 9.32 36.69 24.36
N PHE D 3 9.45 35.37 24.52
CA PHE D 3 8.42 34.48 25.05
C PHE D 3 8.57 34.68 26.56
N LYS D 4 7.47 34.59 27.31
CA LYS D 4 7.55 34.75 28.75
C LYS D 4 7.94 33.44 29.46
N ALA D 5 7.13 33.00 30.41
CA ALA D 5 7.32 31.76 31.19
C ALA D 5 6.12 31.74 32.12
N GLY D 6 5.40 30.61 32.13
CA GLY D 6 4.22 30.52 32.97
C GLY D 6 4.18 29.37 33.96
N SER D 7 2.97 28.87 34.18
CA SER D 7 2.71 27.76 35.09
C SER D 7 2.98 26.40 34.45
N ALA D 8 3.88 25.64 35.08
CA ALA D 8 4.27 24.31 34.61
C ALA D 8 3.20 23.25 34.92
N LYS D 9 2.31 23.57 35.86
CA LYS D 9 1.22 22.69 36.24
C LYS D 9 0.10 22.82 35.21
N LYS D 10 -0.27 24.06 34.88
CA LYS D 10 -1.31 24.33 33.88
C LYS D 10 -0.83 23.77 32.53
N GLY D 11 0.49 23.82 32.33
CA GLY D 11 1.14 23.32 31.14
C GLY D 11 1.17 21.79 31.10
N ALA D 12 1.09 21.17 32.27
CA ALA D 12 1.06 19.71 32.40
C ALA D 12 -0.29 19.23 31.92
N THR D 13 -1.35 19.87 32.43
CA THR D 13 -2.73 19.54 32.06
C THR D 13 -3.04 19.85 30.59
N LEU D 14 -2.25 20.75 30.01
CA LEU D 14 -2.37 21.15 28.60
C LEU D 14 -1.72 20.10 27.71
N PHE D 15 -0.62 19.48 28.19
CA PHE D 15 0.08 18.41 27.46
C PHE D 15 -0.73 17.14 27.59
N LYS D 16 -1.25 16.90 28.79
CA LYS D 16 -2.06 15.71 29.08
C LYS D 16 -3.33 15.63 28.23
N THR D 17 -3.99 16.77 28.04
CA THR D 17 -5.22 16.80 27.27
C THR D 17 -5.06 17.10 25.79
N ARG D 18 -3.99 17.80 25.42
CA ARG D 18 -3.74 18.20 24.02
C ARG D 18 -2.54 17.57 23.28
N CYS D 19 -1.63 16.86 23.95
CA CYS D 19 -0.49 16.27 23.23
C CYS D 19 -0.17 14.81 23.51
N LEU D 20 -0.48 14.35 24.74
CA LEU D 20 -0.22 12.97 25.21
C LEU D 20 -0.71 11.80 24.35
N GLN D 21 -1.77 12.02 23.57
CA GLN D 21 -2.32 10.97 22.72
C GLN D 21 -1.41 10.69 21.52
N CYS D 22 -0.36 11.51 21.42
CA CYS D 22 0.61 11.43 20.34
C CYS D 22 2.07 11.48 20.76
N HIS D 23 2.36 12.13 21.90
CA HIS D 23 3.72 12.29 22.37
C HIS D 23 3.97 11.87 23.82
N THR D 24 5.19 11.37 24.06
CA THR D 24 5.65 10.96 25.38
C THR D 24 6.88 11.83 25.64
N VAL D 25 7.05 12.28 26.88
CA VAL D 25 8.17 13.14 27.27
C VAL D 25 9.35 12.53 28.02
N GLU D 26 9.12 11.41 28.68
CA GLU D 26 10.17 10.74 29.45
C GLU D 26 11.24 10.06 28.58
N LYS D 27 12.47 9.95 29.12
CA LYS D 27 13.62 9.35 28.41
C LYS D 27 13.44 7.93 27.92
N GLY D 28 13.80 7.73 26.65
CA GLY D 28 13.69 6.44 25.99
C GLY D 28 12.25 6.07 25.69
N GLY D 29 11.33 6.97 26.06
CA GLY D 29 9.89 6.79 25.86
C GLY D 29 9.48 6.41 24.45
N PRO D 30 8.43 5.57 24.30
CA PRO D 30 7.97 5.13 22.97
C PRO D 30 7.40 6.20 22.03
N HIS D 31 7.55 5.91 20.74
CA HIS D 31 7.06 6.77 19.67
C HIS D 31 5.66 6.24 19.32
N LYS D 32 4.66 7.12 19.45
CA LYS D 32 3.25 6.80 19.18
C LYS D 32 2.92 7.23 17.75
N VAL D 33 2.07 8.24 17.61
CA VAL D 33 1.70 8.81 16.30
C VAL D 33 2.87 9.73 16.00
N GLY D 34 3.33 10.39 17.07
CA GLY D 34 4.44 11.32 16.99
C GLY D 34 5.66 10.91 17.79
N PRO D 35 6.81 11.60 17.61
CA PRO D 35 8.06 11.32 18.32
C PRO D 35 8.08 11.57 19.80
N ASN D 36 9.00 10.88 20.48
CA ASN D 36 9.21 11.08 21.91
C ASN D 36 9.92 12.42 21.93
N LEU D 37 9.37 13.34 22.69
CA LEU D 37 9.90 14.70 22.77
C LEU D 37 11.05 14.95 23.73
N HIS D 38 11.67 13.89 24.24
CA HIS D 38 12.82 14.08 25.13
C HIS D 38 14.03 14.52 24.32
N GLY D 39 14.73 15.53 24.85
CA GLY D 39 15.89 16.10 24.19
C GLY D 39 15.52 16.88 22.95
N ILE D 40 14.32 17.47 22.96
CA ILE D 40 13.80 18.26 21.83
C ILE D 40 14.47 19.63 21.72
N PHE D 41 14.68 20.27 22.88
CA PHE D 41 15.31 21.57 22.98
C PHE D 41 16.83 21.49 22.92
N GLY D 42 17.38 22.00 21.81
CA GLY D 42 18.82 21.98 21.59
C GLY D 42 19.16 20.99 20.49
N ARG D 43 18.10 20.44 19.87
CA ARG D 43 18.23 19.47 18.80
C ARG D 43 17.49 20.00 17.56
N HIS D 44 17.93 19.55 16.39
CA HIS D 44 17.33 19.95 15.12
C HIS D 44 16.06 19.17 14.83
N SER D 45 15.21 19.73 13.97
CA SER D 45 13.94 19.10 13.60
C SER D 45 14.08 17.91 12.67
N GLY D 46 13.48 16.79 13.11
CA GLY D 46 13.52 15.58 12.31
C GLY D 46 14.67 14.64 12.61
N GLN D 47 15.20 14.68 13.83
CA GLN D 47 16.34 13.84 14.22
C GLN D 47 16.18 12.84 15.38
N ALA D 48 14.95 12.61 15.86
CA ALA D 48 14.74 11.64 16.96
C ALA D 48 14.91 10.19 16.48
N GLU D 49 15.57 9.37 17.31
CA GLU D 49 15.87 7.96 17.03
C GLU D 49 14.73 6.97 16.78
N GLY D 50 14.74 6.36 15.60
CA GLY D 50 13.76 5.35 15.22
C GLY D 50 12.36 5.78 14.82
N TYR D 51 12.24 6.94 14.18
CA TYR D 51 10.95 7.44 13.74
C TYR D 51 11.02 7.84 12.26
N SER D 52 9.94 7.58 11.54
CA SER D 52 9.82 7.89 10.11
C SER D 52 9.09 9.22 9.91
N TYR D 53 9.87 10.29 9.72
CA TYR D 53 9.35 11.64 9.50
C TYR D 53 9.05 11.88 8.02
N THR D 54 8.30 12.95 7.75
CA THR D 54 8.00 13.35 6.37
C THR D 54 9.20 14.22 6.03
N ASP D 55 9.63 14.21 4.76
CA ASP D 55 10.79 15.01 4.34
C ASP D 55 10.67 16.51 4.63
N ALA D 56 9.45 16.98 4.90
CA ALA D 56 9.17 18.38 5.22
C ALA D 56 9.68 18.79 6.61
N ASN D 57 9.71 17.82 7.53
CA ASN D 57 10.16 18.04 8.90
C ASN D 57 11.68 17.90 9.04
N ILE D 58 12.31 17.18 8.11
CA ILE D 58 13.77 16.99 8.10
C ILE D 58 14.44 18.12 7.32
N LYS D 59 13.86 18.49 6.17
CA LYS D 59 14.39 19.55 5.30
C LYS D 59 14.30 20.96 5.87
N LYS D 60 13.40 21.16 6.83
CA LYS D 60 13.21 22.46 7.49
C LYS D 60 14.41 22.74 8.40
N ASN D 61 14.92 21.67 9.01
CA ASN D 61 16.06 21.65 9.94
C ASN D 61 16.43 22.93 10.71
N VAL D 62 15.63 23.23 11.74
CA VAL D 62 15.87 24.42 12.57
C VAL D 62 16.04 23.90 14.00
N LEU D 63 16.92 24.56 14.76
CA LEU D 63 17.17 24.20 16.15
C LEU D 63 15.97 24.63 16.99
N TRP D 64 15.39 23.66 17.71
CA TRP D 64 14.22 23.92 18.55
C TRP D 64 14.56 24.66 19.83
N ASP D 65 14.26 25.95 19.83
CA ASP D 65 14.44 26.79 21.01
C ASP D 65 13.02 27.17 21.42
N GLU D 66 12.86 27.75 22.61
CA GLU D 66 11.55 28.15 23.13
C GLU D 66 10.75 29.21 22.34
N ASN D 67 11.41 29.89 21.40
CA ASN D 67 10.79 30.92 20.59
C ASN D 67 10.19 30.40 19.27
N ASN D 68 10.98 29.65 18.47
CA ASN D 68 10.45 29.09 17.21
C ASN D 68 9.53 27.90 17.45
N MET D 69 9.45 27.49 18.72
CA MET D 69 8.57 26.40 19.14
C MET D 69 7.19 27.01 19.38
N SER D 70 7.17 28.25 19.91
CA SER D 70 5.92 28.97 20.17
C SER D 70 5.16 29.20 18.87
N GLU D 71 5.89 29.63 17.84
CA GLU D 71 5.30 29.89 16.51
C GLU D 71 4.93 28.63 15.72
N TYR D 72 5.44 27.46 16.15
CA TYR D 72 5.12 26.18 15.51
C TYR D 72 3.80 25.67 16.12
N LEU D 73 3.69 25.83 17.43
CA LEU D 73 2.52 25.40 18.19
C LEU D 73 1.29 26.29 17.95
N THR D 74 1.49 27.39 17.24
CA THR D 74 0.43 28.33 16.89
C THR D 74 -0.34 27.80 15.65
N ASN D 75 0.41 27.37 14.63
CA ASN D 75 -0.12 26.83 13.38
C ASN D 75 1.04 26.02 12.73
N PRO D 76 1.04 24.66 12.88
CA PRO D 76 2.03 23.70 12.37
C PRO D 76 2.24 23.54 10.88
N LYS D 77 1.14 23.61 10.13
CA LYS D 77 1.13 23.44 8.68
C LYS D 77 1.41 24.74 7.91
N LYS D 78 1.72 25.81 8.65
CA LYS D 78 2.04 27.11 8.07
C LYS D 78 3.53 27.37 8.30
N TYR D 79 4.06 26.95 9.45
CA TYR D 79 5.48 27.10 9.78
C TYR D 79 6.24 26.00 9.03
N ILE D 80 5.75 24.76 9.14
CA ILE D 80 6.33 23.59 8.44
C ILE D 80 5.21 22.99 7.54
N PRO D 81 5.10 23.44 6.27
CA PRO D 81 4.08 22.91 5.35
C PRO D 81 4.37 21.48 4.89
N GLY D 82 3.37 20.61 4.98
CA GLY D 82 3.53 19.22 4.58
C GLY D 82 3.69 18.25 5.74
N THR D 83 3.73 18.77 6.96
CA THR D 83 3.86 17.97 8.18
C THR D 83 2.59 17.12 8.42
N LYS D 84 2.78 15.90 8.92
CA LYS D 84 1.66 14.99 9.18
C LYS D 84 1.04 15.19 10.57
N MET D 85 1.51 16.23 11.26
CA MET D 85 1.03 16.61 12.57
C MET D 85 -0.36 17.23 12.45
N ALA D 86 -1.38 16.42 12.74
CA ALA D 86 -2.77 16.83 12.68
C ALA D 86 -3.07 17.47 14.02
N TRP D 87 -2.83 18.78 14.08
CA TRP D 87 -3.01 19.59 15.28
C TRP D 87 -3.52 20.98 14.88
N GLY D 88 -4.60 21.40 15.53
CA GLY D 88 -5.23 22.68 15.26
C GLY D 88 -4.37 23.89 15.56
N GLY D 89 -3.83 23.91 16.78
CA GLY D 89 -2.98 25.01 17.19
C GLY D 89 -3.33 25.59 18.53
N LEU D 90 -2.29 26.09 19.20
CA LEU D 90 -2.39 26.74 20.50
C LEU D 90 -2.42 28.22 20.13
N LYS D 91 -3.64 28.78 20.05
CA LYS D 91 -3.82 30.18 19.65
C LYS D 91 -3.68 31.22 20.77
N LYS D 92 -3.64 30.74 22.01
CA LYS D 92 -3.50 31.61 23.18
C LYS D 92 -2.03 31.69 23.67
N GLU D 93 -1.57 32.93 23.88
CA GLU D 93 -0.21 33.25 24.32
C GLU D 93 0.15 32.63 25.68
N LYS D 94 -0.74 32.82 26.66
CA LYS D 94 -0.58 32.30 28.02
C LYS D 94 -0.47 30.78 28.03
N ASP D 95 -1.29 30.13 27.20
CA ASP D 95 -1.31 28.67 27.08
C ASP D 95 -0.13 28.11 26.28
N ARG D 96 0.53 28.97 25.51
CA ARG D 96 1.73 28.59 24.75
C ARG D 96 2.90 28.64 25.72
N ASN D 97 2.94 29.73 26.49
CA ASN D 97 3.97 29.98 27.49
C ASN D 97 3.98 28.94 28.61
N ASP D 98 2.79 28.55 29.07
CA ASP D 98 2.61 27.54 30.12
C ASP D 98 3.12 26.16 29.69
N LEU D 99 2.82 25.78 28.45
CA LEU D 99 3.21 24.49 27.90
C LEU D 99 4.71 24.37 27.66
N ILE D 100 5.32 25.44 27.15
CA ILE D 100 6.76 25.46 26.88
C ILE D 100 7.55 25.34 28.18
N THR D 101 7.03 25.93 29.26
CA THR D 101 7.63 25.90 30.59
C THR D 101 7.60 24.48 31.18
N TYR D 102 6.59 23.70 30.77
CA TYR D 102 6.45 22.31 31.21
C TYR D 102 7.35 21.42 30.36
N LEU D 103 7.31 21.63 29.04
CA LEU D 103 8.12 20.85 28.08
C LEU D 103 9.61 21.13 28.23
N LYS D 104 9.93 22.24 28.91
CA LYS D 104 11.32 22.63 29.20
C LYS D 104 11.88 21.80 30.34
N LYS D 105 11.02 21.55 31.34
CA LYS D 105 11.34 20.79 32.54
C LYS D 105 11.11 19.28 32.40
N ALA D 106 10.18 18.90 31.52
CA ALA D 106 9.82 17.49 31.29
C ALA D 106 10.75 16.78 30.30
N CYS D 107 11.24 17.52 29.32
CA CYS D 107 12.13 17.01 28.28
C CYS D 107 13.57 17.51 28.41
N GLU D 108 14.06 17.51 29.65
CA GLU D 108 15.40 17.99 30.01
C GLU D 108 16.52 16.95 29.80
ZN ZNH E . 12.95 -26.34 -17.89
CHA ZNH E . 13.66 -24.09 -20.23
CHB ZNH E . 11.91 -28.55 -20.27
CHC ZNH E . 12.50 -28.85 -15.48
CHD ZNH E . 14.73 -24.52 -15.59
NA ZNH E . 12.90 -26.33 -19.89
C1A ZNH E . 13.17 -25.30 -20.71
C2A ZNH E . 12.87 -25.67 -22.06
C3A ZNH E . 12.37 -26.94 -22.07
C4A ZNH E . 12.40 -27.33 -20.72
CMA ZNH E . 11.84 -27.78 -23.26
CAA ZNH E . 13.11 -24.76 -23.25
CBA ZNH E . 14.51 -24.71 -23.86
CGA ZNH E . 14.60 -23.71 -24.98
O1A ZNH E . 13.82 -23.83 -25.94
O2A ZNH E . 15.46 -22.81 -24.89
NB ZNH E . 12.34 -28.30 -17.91
C1B ZNH E . 11.85 -29.00 -18.96
C2B ZNH E . 11.21 -30.23 -18.55
C3B ZNH E . 11.29 -30.35 -17.16
C4B ZNH E . 12.04 -29.13 -16.77
CMB ZNH E . 10.65 -31.19 -19.59
CAB ZNH E . 10.78 -31.30 -16.22
CBB ZNH E . 9.80 -32.28 -16.30
NC ZNH E . 13.58 -26.66 -15.93
C1C ZNH E . 13.23 -27.73 -15.08
C2C ZNH E . 13.79 -27.54 -13.75
C3C ZNH E . 14.47 -26.30 -13.78
C4C ZNH E . 14.30 -25.78 -15.12
CMC ZNH E . 13.70 -28.61 -12.63
CAC ZNH E . 15.29 -25.64 -12.82
CBC ZNH E . 15.23 -25.63 -11.46
ND ZNH E . 14.06 -24.65 -17.93
C1D ZNH E . 14.57 -23.97 -16.87
C2D ZNH E . 14.80 -22.56 -17.24
C3D ZNH E . 14.48 -22.42 -18.55
C4D ZNH E . 14.03 -23.73 -18.97
CMD ZNH E . 15.12 -21.40 -16.26
CAD ZNH E . 14.50 -21.11 -19.35
CBD ZNH E . 15.83 -20.98 -20.11
CGD ZNH E . 15.91 -19.77 -21.01
O1D ZNH E . 17.02 -19.51 -21.52
O2D ZNH E . 14.90 -19.06 -21.23
ZN ZNH F . 5.16 -1.33 -14.77
CHA ZNH F . 3.07 0.06 -12.62
CHB ZNH F . 6.16 1.84 -15.76
CHC ZNH F . 7.32 -2.75 -16.93
CHD ZNH F . 3.84 -4.45 -14.07
NA ZNH F . 4.69 0.66 -14.25
C1A ZNH F . 3.82 1.01 -13.30
C2A ZNH F . 3.75 2.46 -13.16
C3A ZNH F . 4.61 2.99 -14.07
C4A ZNH F . 5.17 1.81 -14.77
CMA ZNH F . 4.94 4.48 -14.30
CAA ZNH F . 2.91 3.26 -12.17
CBA ZNH F . 1.48 3.35 -12.65
CGA ZNH F . 0.65 4.40 -11.93
O1A ZNH F . -0.34 4.86 -12.52
O2A ZNH F . 0.96 4.74 -10.77
NB ZNH F . 6.62 -0.54 -16.01
C1B ZNH F . 6.83 0.77 -16.34
C2B ZNH F . 7.77 0.86 -17.45
C3B ZNH F . 8.13 -0.44 -17.75
C4B ZNH F . 7.37 -1.29 -16.88
CMB ZNH F . 8.01 2.14 -18.26
CAB ZNH F . 9.11 -0.98 -18.61
CBB ZNH F . 10.42 -0.61 -18.70
NC ZNH F . 5.64 -3.30 -15.21
C1C ZNH F . 6.57 -3.69 -16.14
C2C ZNH F . 6.61 -5.11 -16.33
C3C ZNH F . 5.59 -5.60 -15.59
C4C ZNH F . 5.00 -4.44 -14.87
CMC ZNH F . 7.73 -5.87 -17.07
CAC ZNH F . 5.03 -6.87 -15.75
CBC ZNH F . 5.31 -7.90 -14.93
ND ZNH F . 3.60 -2.05 -13.62
C1D ZNH F . 3.19 -3.36 -13.47
C2D ZNH F . 2.22 -3.46 -12.44
C3D ZNH F . 2.05 -2.18 -11.92
C4D ZNH F . 2.93 -1.32 -12.71
CMD ZNH F . 1.55 -4.78 -12.11
CAD ZNH F . 1.23 -1.70 -10.73
CBD ZNH F . 2.07 -1.34 -9.50
CGD ZNH F . 1.26 -1.30 -8.21
O1D ZNH F . 0.03 -1.09 -8.26
O2D ZNH F . 1.86 -1.49 -7.13
FE HEC G . -22.05 9.66 15.08
CHA HEC G . -21.00 10.89 18.10
CHB HEC G . -23.68 7.11 16.67
CHC HEC G . -23.59 8.72 12.16
CHD HEC G . -21.16 12.60 13.62
NA HEC G . -22.42 9.20 17.04
C1A HEC G . -21.84 9.77 18.18
C2A HEC G . -22.22 8.99 19.33
C3A HEC G . -22.95 7.90 18.91
C4A HEC G . -23.07 8.05 17.50
CMA HEC G . -23.41 6.66 19.70
CAA HEC G . -21.83 9.27 20.75
CBA HEC G . -22.44 10.50 21.42
CGA HEC G . -21.83 10.75 22.76
O1A HEC G . -21.89 9.84 23.61
O2A HEC G . -21.27 11.85 22.96
NB HEC G . -23.35 8.22 14.49
C1B HEC G . -23.81 7.15 15.29
C2B HEC G . -24.45 6.14 14.49
C3B HEC G . -24.41 6.54 13.15
C4B HEC G . -23.75 7.86 13.21
CMB HEC G . -25.13 4.92 15.13
CAB HEC G . -24.85 5.91 11.94
CBB HEC G . -25.13 4.58 11.59
NC HEC G . -22.41 10.51 13.24
C1C HEC G . -23.00 9.99 12.17
C2C HEC G . -22.96 10.88 11.01
C3C HEC G . -22.31 12.03 11.39
C4C HEC G . -21.94 11.76 12.79
CMC HEC G . -23.61 10.53 9.63
CAC HEC G . -22.06 13.24 10.71
CBC HEC G . -21.76 13.57 9.38
ND HEC G . -21.29 11.45 15.73
C1D HEC G . -20.81 12.46 14.93
C2D HEC G . -19.85 13.31 15.63
C3D HEC G . -19.78 12.81 16.92
C4D HEC G . -20.69 11.67 16.96
CMD HEC G . -18.98 14.39 14.96
CAD HEC G . -18.87 13.22 18.06
CBD HEC G . -19.43 14.35 18.91
CGD HEC G . -18.66 14.62 20.20
O1D HEC G . -19.08 15.53 20.93
O2D HEC G . -17.66 13.93 20.48
FE HEC H . 3.27 16.89 17.58
CHA HEC H . 5.81 16.47 15.49
CHB HEC H . 5.05 18.99 19.47
CHC HEC H . 0.47 17.58 19.32
CHD HEC H . 1.47 14.40 15.93
NA HEC H . 5.12 17.71 17.44
C1A HEC H . 6.04 17.43 16.48
C2A HEC H . 7.30 18.12 16.78
C3A HEC H . 7.09 18.76 17.97
C4A HEC H . 5.71 18.50 18.34
CMA HEC H . 8.09 19.51 18.83
CAA HEC H . 8.61 18.06 16.01
CBA HEC H . 9.48 16.94 16.62
CGA HEC H . 10.83 16.78 15.93
O1A HEC H . 11.55 15.84 16.32
O2A HEC H . 11.15 17.57 15.03
NB HEC H . 2.83 18.20 19.07
C1B HEC H . 3.72 18.86 19.85
C2B HEC H . 3.10 19.36 21.05
C3B HEC H . 1.74 19.03 20.96
C4B HEC H . 1.62 18.29 19.72
CMB HEC H . 3.91 20.02 22.18
CAB HEC H . 0.63 19.27 21.80
CBB HEC H . 0.29 20.38 22.53
NC HEC H . 1.25 16.21 17.52
C1C HEC H . 0.27 16.64 18.33
C2C HEC H . -0.94 15.85 18.18
C3C HEC H . -0.65 14.83 17.27
C4C HEC H . 0.74 15.12 16.85
CMC HEC H . -2.26 16.12 18.88
CAC HEC H . -1.35 13.63 17.03
CBC HEC H . -2.30 13.41 16.07
ND HEC H . 3.61 15.58 16.02
C1D HEC H . 2.78 14.59 15.52
C2D HEC H . 3.35 13.92 14.39
C3D HEC H . 4.60 14.53 14.17
C4D HEC H . 4.74 15.58 15.23
CMD HEC H . 2.66 12.81 13.61
CAD HEC H . 5.51 14.16 13.01
CBD HEC H . 5.49 15.27 11.95
CGD HEC H . 6.19 14.92 10.66
O1D HEC H . 7.06 14.01 10.64
O2D HEC H . 5.85 15.55 9.64
#